data_2E6Z
#
_entry.id   2E6Z
#
_entity_poly.entity_id   1
_entity_poly.type   'polypeptide(L)'
_entity_poly.pdbx_seq_one_letter_code
;GSSGSSGFQPGDNVEVCEGELINLQGKILSVDGNKITIMPKHEDLKDMLEFPAQELRKY
;
_entity_poly.pdbx_strand_id   A
#
# COMPACT_ATOMS: atom_id res chain seq x y z
N GLY A 1 22.68 12.56 1.93
CA GLY A 1 21.58 11.67 1.61
C GLY A 1 20.23 12.34 1.77
N SER A 2 19.22 11.57 2.14
CA SER A 2 17.87 12.10 2.32
C SER A 2 17.24 11.55 3.60
N SER A 3 16.09 12.11 3.97
CA SER A 3 15.39 11.69 5.18
C SER A 3 14.08 11.01 4.83
N GLY A 4 13.16 11.78 4.23
CA GLY A 4 11.88 11.23 3.85
C GLY A 4 10.84 12.31 3.59
N SER A 5 10.32 12.35 2.37
CA SER A 5 9.33 13.35 1.99
C SER A 5 8.14 13.31 2.95
N SER A 6 7.35 14.38 2.95
CA SER A 6 6.19 14.48 3.82
C SER A 6 5.07 13.58 3.32
N GLY A 7 4.62 12.67 4.19
CA GLY A 7 3.56 11.76 3.82
C GLY A 7 3.68 10.42 4.51
N PHE A 8 3.10 9.38 3.90
CA PHE A 8 3.15 8.04 4.47
C PHE A 8 4.49 7.36 4.15
N GLN A 9 4.88 6.43 5.01
CA GLN A 9 6.14 5.71 4.83
C GLN A 9 5.89 4.21 4.70
N PRO A 10 6.69 3.57 3.83
CA PRO A 10 6.58 2.12 3.59
C PRO A 10 7.03 1.29 4.78
N GLY A 11 6.60 0.03 4.82
CA GLY A 11 6.96 -0.84 5.92
C GLY A 11 5.79 -1.17 6.82
N ASP A 12 4.92 -0.19 7.02
CA ASP A 12 3.74 -0.37 7.86
C ASP A 12 2.76 -1.36 7.23
N ASN A 13 1.92 -1.97 8.06
CA ASN A 13 0.93 -2.93 7.58
C ASN A 13 -0.43 -2.26 7.40
N VAL A 14 -0.93 -2.29 6.17
CA VAL A 14 -2.23 -1.69 5.87
C VAL A 14 -3.08 -2.64 5.04
N GLU A 15 -4.33 -2.24 4.78
CA GLU A 15 -5.25 -3.06 4.01
C GLU A 15 -6.17 -2.18 3.16
N VAL A 16 -6.76 -2.78 2.13
CA VAL A 16 -7.66 -2.04 1.24
C VAL A 16 -9.02 -1.85 1.88
N CYS A 17 -9.54 -0.61 1.80
CA CYS A 17 -10.83 -0.29 2.39
C CYS A 17 -11.94 -0.40 1.34
N GLU A 18 -11.68 0.13 0.16
CA GLU A 18 -12.65 0.10 -0.93
C GLU A 18 -11.99 -0.30 -2.24
N GLY A 19 -12.81 -0.74 -3.20
CA GLY A 19 -12.29 -1.15 -4.49
C GLY A 19 -12.47 -2.64 -4.74
N GLU A 20 -11.81 -3.14 -5.78
CA GLU A 20 -11.90 -4.55 -6.12
C GLU A 20 -11.00 -5.39 -5.24
N LEU A 21 -9.87 -4.82 -4.83
CA LEU A 21 -8.92 -5.52 -3.98
C LEU A 21 -9.26 -5.33 -2.50
N ILE A 22 -10.54 -5.04 -2.24
CA ILE A 22 -11.00 -4.84 -0.87
C ILE A 22 -10.65 -6.04 0.01
N ASN A 23 -10.63 -5.82 1.33
CA ASN A 23 -10.32 -6.88 2.27
C ASN A 23 -8.96 -7.49 1.97
N LEU A 24 -8.06 -6.69 1.43
CA LEU A 24 -6.72 -7.14 1.10
C LEU A 24 -5.67 -6.46 1.96
N GLN A 25 -5.02 -7.24 2.83
CA GLN A 25 -3.99 -6.69 3.72
C GLN A 25 -2.60 -6.98 3.17
N GLY A 26 -1.61 -6.26 3.69
CA GLY A 26 -0.25 -6.45 3.23
C GLY A 26 0.70 -5.39 3.78
N LYS A 27 1.97 -5.49 3.42
CA LYS A 27 2.98 -4.53 3.87
C LYS A 27 3.30 -3.53 2.78
N ILE A 28 3.62 -2.30 3.19
CA ILE A 28 3.96 -1.24 2.25
C ILE A 28 5.43 -1.28 1.88
N LEU A 29 5.72 -1.12 0.59
CA LEU A 29 7.10 -1.13 0.11
C LEU A 29 7.63 0.30 -0.08
N SER A 30 6.86 1.12 -0.79
CA SER A 30 7.25 2.50 -1.03
C SER A 30 6.02 3.40 -1.18
N VAL A 31 6.25 4.70 -1.28
CA VAL A 31 5.16 5.66 -1.42
C VAL A 31 5.38 6.56 -2.63
N ASP A 32 4.48 6.47 -3.60
CA ASP A 32 4.57 7.28 -4.81
C ASP A 32 3.48 8.34 -4.84
N GLY A 33 3.70 9.44 -4.12
CA GLY A 33 2.73 10.51 -4.08
C GLY A 33 1.32 10.01 -3.87
N ASN A 34 0.49 10.14 -4.90
CA ASN A 34 -0.90 9.69 -4.82
C ASN A 34 -0.98 8.17 -4.86
N LYS A 35 -0.04 7.55 -5.57
CA LYS A 35 0.00 6.09 -5.68
C LYS A 35 0.91 5.48 -4.63
N ILE A 36 0.55 4.30 -4.14
CA ILE A 36 1.35 3.62 -3.13
C ILE A 36 1.70 2.20 -3.58
N THR A 37 2.98 1.96 -3.81
CA THR A 37 3.44 0.64 -4.24
C THR A 37 3.68 -0.27 -3.04
N ILE A 38 2.90 -1.34 -2.96
CA ILE A 38 3.03 -2.30 -1.87
C ILE A 38 2.98 -3.73 -2.38
N MET A 39 3.00 -4.69 -1.45
CA MET A 39 2.95 -6.10 -1.81
C MET A 39 1.98 -6.86 -0.91
N PRO A 40 0.94 -7.44 -1.52
CA PRO A 40 -0.09 -8.19 -0.80
C PRO A 40 0.45 -9.52 -0.27
N LYS A 41 -0.07 -9.95 0.88
CA LYS A 41 0.37 -11.20 1.49
C LYS A 41 -0.50 -12.36 1.02
N HIS A 42 -0.15 -12.93 -0.13
CA HIS A 42 -0.89 -14.05 -0.69
C HIS A 42 0.01 -14.92 -1.56
N GLU A 43 0.01 -16.23 -1.29
CA GLU A 43 0.82 -17.16 -2.06
C GLU A 43 0.47 -17.12 -3.54
N ASP A 44 -0.82 -17.11 -3.83
CA ASP A 44 -1.30 -17.06 -5.21
C ASP A 44 -0.58 -15.97 -6.00
N LEU A 45 -0.44 -14.81 -5.37
CA LEU A 45 0.24 -13.68 -6.01
C LEU A 45 1.75 -13.76 -5.82
N LYS A 46 2.48 -13.64 -6.93
CA LYS A 46 3.93 -13.70 -6.89
C LYS A 46 4.55 -12.42 -7.46
N ASP A 47 3.94 -11.28 -7.14
CA ASP A 47 4.43 -9.99 -7.63
C ASP A 47 3.86 -8.85 -6.80
N MET A 48 4.52 -7.69 -6.85
CA MET A 48 4.08 -6.53 -6.10
C MET A 48 3.01 -5.76 -6.88
N LEU A 49 2.23 -4.96 -6.17
CA LEU A 49 1.17 -4.18 -6.78
C LEU A 49 1.19 -2.74 -6.27
N GLU A 50 0.53 -1.84 -7.00
CA GLU A 50 0.46 -0.44 -6.62
C GLU A 50 -0.98 0.04 -6.55
N PHE A 51 -1.36 0.58 -5.40
CA PHE A 51 -2.72 1.08 -5.20
C PHE A 51 -2.70 2.52 -4.69
N PRO A 52 -3.76 3.27 -5.00
CA PRO A 52 -3.89 4.67 -4.58
C PRO A 52 -4.11 4.81 -3.08
N ALA A 53 -3.54 5.85 -2.49
CA ALA A 53 -3.69 6.10 -1.06
C ALA A 53 -5.14 5.96 -0.61
N GLN A 54 -6.07 6.24 -1.53
CA GLN A 54 -7.48 6.14 -1.24
C GLN A 54 -7.91 4.69 -1.06
N GLU A 55 -7.36 3.81 -1.90
CA GLU A 55 -7.69 2.40 -1.84
C GLU A 55 -7.06 1.75 -0.60
N LEU A 56 -5.87 2.22 -0.23
CA LEU A 56 -5.18 1.68 0.93
C LEU A 56 -5.50 2.50 2.18
N ARG A 57 -5.61 1.81 3.32
CA ARG A 57 -5.92 2.47 4.58
C ARG A 57 -5.13 1.83 5.74
N LYS A 58 -4.63 2.67 6.63
CA LYS A 58 -3.86 2.19 7.77
C LYS A 58 -4.79 1.69 8.88
N TYR A 59 -4.57 0.44 9.30
CA TYR A 59 -5.38 -0.16 10.35
C TYR A 59 -4.54 -0.48 11.57
N GLY A 1 14.20 10.79 8.15
CA GLY A 1 13.12 11.69 8.52
C GLY A 1 13.50 13.15 8.36
N SER A 2 12.91 13.81 7.38
CA SER A 2 13.19 15.22 7.12
C SER A 2 11.99 16.09 7.48
N SER A 3 12.28 17.29 7.98
CA SER A 3 11.22 18.22 8.37
C SER A 3 10.28 18.50 7.21
N GLY A 4 9.15 19.14 7.50
CA GLY A 4 8.18 19.45 6.47
C GLY A 4 6.99 18.52 6.49
N SER A 5 6.20 18.55 5.42
CA SER A 5 5.01 17.70 5.33
C SER A 5 5.38 16.31 4.83
N SER A 6 5.63 15.40 5.77
CA SER A 6 5.99 14.02 5.44
C SER A 6 4.75 13.16 5.29
N GLY A 7 4.52 12.65 4.09
CA GLY A 7 3.37 11.81 3.84
C GLY A 7 3.48 10.46 4.53
N PHE A 8 3.05 9.40 3.83
CA PHE A 8 3.10 8.06 4.38
C PHE A 8 4.43 7.38 4.07
N GLN A 9 4.88 6.51 4.97
CA GLN A 9 6.13 5.80 4.77
C GLN A 9 5.89 4.29 4.66
N PRO A 10 6.69 3.63 3.81
CA PRO A 10 6.58 2.18 3.59
C PRO A 10 7.05 1.38 4.80
N GLY A 11 6.60 0.13 4.88
CA GLY A 11 6.98 -0.73 5.99
C GLY A 11 5.83 -1.02 6.92
N ASP A 12 4.84 -0.13 6.93
CA ASP A 12 3.67 -0.30 7.79
C ASP A 12 2.67 -1.26 7.16
N ASN A 13 1.79 -1.82 7.98
CA ASN A 13 0.77 -2.75 7.50
C ASN A 13 -0.53 -2.03 7.20
N VAL A 14 -0.97 -2.12 5.95
CA VAL A 14 -2.22 -1.47 5.52
C VAL A 14 -3.13 -2.46 4.81
N GLU A 15 -4.37 -2.04 4.58
CA GLU A 15 -5.34 -2.90 3.91
C GLU A 15 -6.23 -2.08 2.97
N VAL A 16 -6.95 -2.78 2.10
CA VAL A 16 -7.85 -2.12 1.14
C VAL A 16 -9.19 -1.76 1.79
N CYS A 17 -9.54 -0.49 1.73
CA CYS A 17 -10.79 -0.01 2.31
C CYS A 17 -11.96 -0.25 1.34
N GLU A 18 -11.76 0.10 0.08
CA GLU A 18 -12.80 -0.07 -0.93
C GLU A 18 -12.20 -0.64 -2.22
N GLY A 19 -13.08 -1.07 -3.14
CA GLY A 19 -12.62 -1.63 -4.38
C GLY A 19 -12.72 -3.14 -4.41
N GLU A 20 -12.46 -3.73 -5.58
CA GLU A 20 -12.52 -5.17 -5.73
C GLU A 20 -11.40 -5.85 -4.95
N LEU A 21 -10.43 -5.06 -4.53
CA LEU A 21 -9.30 -5.58 -3.77
C LEU A 21 -9.56 -5.52 -2.26
N ILE A 22 -10.71 -4.96 -1.90
CA ILE A 22 -11.09 -4.84 -0.50
C ILE A 22 -10.75 -6.11 0.27
N ASN A 23 -10.57 -5.96 1.58
CA ASN A 23 -10.24 -7.10 2.44
C ASN A 23 -8.86 -7.66 2.09
N LEU A 24 -8.01 -6.80 1.54
CA LEU A 24 -6.66 -7.21 1.16
C LEU A 24 -5.61 -6.52 2.02
N GLN A 25 -4.97 -7.28 2.90
CA GLN A 25 -3.95 -6.73 3.79
C GLN A 25 -2.55 -7.02 3.25
N GLY A 26 -1.58 -6.24 3.70
CA GLY A 26 -0.21 -6.42 3.25
C GLY A 26 0.73 -5.34 3.78
N LYS A 27 2.01 -5.49 3.48
CA LYS A 27 3.01 -4.52 3.93
C LYS A 27 3.34 -3.53 2.81
N ILE A 28 3.65 -2.30 3.20
CA ILE A 28 3.99 -1.25 2.23
C ILE A 28 5.48 -1.28 1.90
N LEU A 29 5.80 -1.25 0.61
CA LEU A 29 7.18 -1.26 0.17
C LEU A 29 7.70 0.15 -0.05
N SER A 30 6.96 0.94 -0.84
CA SER A 30 7.35 2.32 -1.12
C SER A 30 6.12 3.20 -1.24
N VAL A 31 6.34 4.51 -1.18
CA VAL A 31 5.26 5.48 -1.29
C VAL A 31 5.56 6.54 -2.34
N ASP A 32 4.79 6.54 -3.41
CA ASP A 32 4.97 7.50 -4.49
C ASP A 32 3.73 8.39 -4.65
N GLY A 33 3.79 9.58 -4.08
CA GLY A 33 2.67 10.50 -4.17
C GLY A 33 1.34 9.82 -3.88
N ASN A 34 0.48 9.77 -4.88
CA ASN A 34 -0.83 9.15 -4.72
C ASN A 34 -0.75 7.64 -4.90
N LYS A 35 0.22 7.19 -5.70
CA LYS A 35 0.42 5.77 -5.96
C LYS A 35 1.35 5.15 -4.91
N ILE A 36 0.87 4.10 -4.25
CA ILE A 36 1.66 3.42 -3.23
C ILE A 36 1.98 1.99 -3.65
N THR A 37 3.25 1.72 -3.92
CA THR A 37 3.69 0.39 -4.33
C THR A 37 3.90 -0.52 -3.12
N ILE A 38 3.01 -1.49 -2.96
CA ILE A 38 3.09 -2.43 -1.85
C ILE A 38 3.05 -3.87 -2.34
N MET A 39 3.15 -4.80 -1.41
CA MET A 39 3.12 -6.23 -1.74
C MET A 39 2.14 -6.97 -0.85
N PRO A 40 1.08 -7.52 -1.46
CA PRO A 40 0.04 -8.28 -0.74
C PRO A 40 0.56 -9.62 -0.22
N LYS A 41 -0.05 -10.11 0.85
CA LYS A 41 0.34 -11.38 1.44
C LYS A 41 -0.51 -12.52 0.90
N HIS A 42 -0.16 -12.99 -0.29
CA HIS A 42 -0.90 -14.08 -0.93
C HIS A 42 0.01 -14.86 -1.88
N GLU A 43 0.19 -16.15 -1.61
CA GLU A 43 1.03 -17.00 -2.43
C GLU A 43 0.76 -16.75 -3.92
N ASP A 44 -0.51 -16.77 -4.29
CA ASP A 44 -0.90 -16.55 -5.68
C ASP A 44 -0.16 -15.35 -6.27
N LEU A 45 -0.41 -14.17 -5.70
CA LEU A 45 0.24 -12.95 -6.16
C LEU A 45 1.71 -12.93 -5.78
N LYS A 46 2.58 -13.24 -6.73
CA LYS A 46 4.02 -13.25 -6.49
C LYS A 46 4.62 -11.86 -6.72
N ASP A 47 4.09 -11.15 -7.70
CA ASP A 47 4.57 -9.81 -8.02
C ASP A 47 3.88 -8.76 -7.14
N MET A 48 4.49 -7.58 -7.04
CA MET A 48 3.94 -6.50 -6.23
C MET A 48 2.92 -5.70 -7.04
N LEU A 49 2.06 -4.97 -6.34
CA LEU A 49 1.04 -4.16 -6.98
C LEU A 49 1.06 -2.72 -6.45
N GLU A 50 0.37 -1.83 -7.13
CA GLU A 50 0.30 -0.43 -6.72
C GLU A 50 -1.15 0.03 -6.56
N PHE A 51 -1.44 0.61 -5.41
CA PHE A 51 -2.79 1.10 -5.12
C PHE A 51 -2.75 2.52 -4.60
N PRO A 52 -3.80 3.29 -4.94
CA PRO A 52 -3.92 4.70 -4.52
C PRO A 52 -4.17 4.85 -3.02
N ALA A 53 -3.70 5.94 -2.45
CA ALA A 53 -3.87 6.20 -1.03
C ALA A 53 -5.33 6.06 -0.61
N GLN A 54 -6.23 6.23 -1.58
CA GLN A 54 -7.66 6.12 -1.32
C GLN A 54 -8.07 4.67 -1.13
N GLU A 55 -7.37 3.77 -1.82
CA GLU A 55 -7.67 2.35 -1.73
C GLU A 55 -7.06 1.74 -0.47
N LEU A 56 -5.84 2.18 -0.13
CA LEU A 56 -5.15 1.67 1.04
C LEU A 56 -5.42 2.56 2.25
N ARG A 57 -5.58 1.94 3.42
CA ARG A 57 -5.84 2.67 4.65
C ARG A 57 -5.23 1.96 5.85
N LYS A 58 -4.96 2.72 6.91
CA LYS A 58 -4.38 2.15 8.12
C LYS A 58 -5.46 1.63 9.05
N TYR A 59 -5.34 0.35 9.44
CA TYR A 59 -6.31 -0.27 10.33
C TYR A 59 -5.70 -0.53 11.70
N GLY A 1 12.81 9.02 11.40
CA GLY A 1 12.41 9.67 10.16
C GLY A 1 13.19 10.94 9.90
N SER A 2 13.53 11.18 8.63
CA SER A 2 14.29 12.36 8.25
C SER A 2 13.41 13.61 8.36
N SER A 3 13.58 14.33 9.47
CA SER A 3 12.80 15.55 9.69
C SER A 3 12.69 16.37 8.42
N GLY A 4 11.50 16.39 7.83
CA GLY A 4 11.28 17.14 6.61
C GLY A 4 10.28 16.47 5.69
N SER A 5 10.69 15.35 5.09
CA SER A 5 9.82 14.61 4.17
C SER A 5 8.40 14.50 4.73
N SER A 6 7.42 14.92 3.94
CA SER A 6 6.02 14.86 4.36
C SER A 6 5.27 13.78 3.60
N GLY A 7 4.53 12.96 4.33
CA GLY A 7 3.76 11.89 3.72
C GLY A 7 3.89 10.58 4.46
N PHE A 8 3.38 9.51 3.87
CA PHE A 8 3.44 8.19 4.48
C PHE A 8 4.76 7.50 4.17
N GLN A 9 5.14 6.55 5.03
CA GLN A 9 6.39 5.82 4.85
C GLN A 9 6.13 4.32 4.72
N PRO A 10 6.89 3.65 3.85
CA PRO A 10 6.76 2.20 3.62
C PRO A 10 7.23 1.38 4.81
N GLY A 11 6.80 0.13 4.86
CA GLY A 11 7.20 -0.74 5.96
C GLY A 11 6.05 -1.05 6.90
N ASP A 12 5.02 -0.20 6.86
CA ASP A 12 3.85 -0.39 7.73
C ASP A 12 2.87 -1.38 7.10
N ASN A 13 1.89 -1.80 7.88
CA ASN A 13 0.89 -2.75 7.41
C ASN A 13 -0.45 -2.06 7.18
N VAL A 14 -0.94 -2.11 5.96
CA VAL A 14 -2.22 -1.49 5.61
C VAL A 14 -3.17 -2.51 4.98
N GLU A 15 -4.35 -2.02 4.57
CA GLU A 15 -5.35 -2.90 3.97
C GLU A 15 -6.34 -2.08 3.14
N VAL A 16 -6.61 -2.55 1.92
CA VAL A 16 -7.54 -1.87 1.02
C VAL A 16 -8.92 -1.78 1.65
N CYS A 17 -9.55 -0.62 1.51
CA CYS A 17 -10.89 -0.39 2.05
C CYS A 17 -11.96 -0.79 1.04
N GLU A 18 -11.76 -0.39 -0.21
CA GLU A 18 -12.71 -0.71 -1.27
C GLU A 18 -11.98 -1.06 -2.57
N GLY A 19 -12.71 -1.67 -3.49
CA GLY A 19 -12.12 -2.05 -4.76
C GLY A 19 -11.91 -3.55 -4.88
N GLU A 20 -11.91 -4.05 -6.12
CA GLU A 20 -11.73 -5.47 -6.36
C GLU A 20 -10.75 -6.07 -5.36
N LEU A 21 -9.68 -5.35 -5.07
CA LEU A 21 -8.67 -5.81 -4.11
C LEU A 21 -9.06 -5.44 -2.69
N ILE A 22 -10.35 -5.57 -2.37
CA ILE A 22 -10.84 -5.25 -1.04
C ILE A 22 -10.35 -6.27 -0.01
N ASN A 23 -10.45 -5.90 1.26
CA ASN A 23 -10.01 -6.79 2.34
C ASN A 23 -8.65 -7.39 2.03
N LEU A 24 -7.81 -6.62 1.35
CA LEU A 24 -6.47 -7.07 0.99
C LEU A 24 -5.41 -6.41 1.87
N GLN A 25 -4.91 -7.16 2.84
CA GLN A 25 -3.89 -6.65 3.75
C GLN A 25 -2.49 -6.93 3.22
N GLY A 26 -1.51 -6.20 3.71
CA GLY A 26 -0.14 -6.38 3.28
C GLY A 26 0.79 -5.30 3.80
N LYS A 27 2.07 -5.42 3.48
CA LYS A 27 3.06 -4.44 3.92
C LYS A 27 3.39 -3.46 2.81
N ILE A 28 3.78 -2.25 3.20
CA ILE A 28 4.11 -1.21 2.23
C ILE A 28 5.60 -1.25 1.88
N LEU A 29 5.90 -1.14 0.59
CA LEU A 29 7.28 -1.16 0.13
C LEU A 29 7.81 0.27 -0.07
N SER A 30 7.07 1.07 -0.81
CA SER A 30 7.46 2.45 -1.08
C SER A 30 6.24 3.32 -1.35
N VAL A 31 6.42 4.63 -1.24
CA VAL A 31 5.33 5.58 -1.47
C VAL A 31 5.62 6.45 -2.69
N ASP A 32 4.70 6.47 -3.64
CA ASP A 32 4.85 7.27 -4.85
C ASP A 32 3.71 8.27 -5.00
N GLY A 33 3.84 9.41 -4.34
CA GLY A 33 2.81 10.43 -4.41
C GLY A 33 1.43 9.88 -4.09
N ASN A 34 0.51 10.04 -5.03
CA ASN A 34 -0.86 9.55 -4.85
C ASN A 34 -0.90 8.03 -4.89
N LYS A 35 0.03 7.43 -5.61
CA LYS A 35 0.11 5.98 -5.73
C LYS A 35 1.06 5.39 -4.69
N ILE A 36 0.68 4.26 -4.13
CA ILE A 36 1.51 3.59 -3.12
C ILE A 36 1.84 2.16 -3.54
N THR A 37 3.12 1.92 -3.85
CA THR A 37 3.56 0.60 -4.25
C THR A 37 3.78 -0.30 -3.05
N ILE A 38 2.99 -1.36 -2.96
CA ILE A 38 3.09 -2.31 -1.85
C ILE A 38 3.02 -3.74 -2.34
N MET A 39 3.01 -4.69 -1.41
CA MET A 39 2.93 -6.11 -1.76
C MET A 39 2.03 -6.86 -0.78
N PRO A 40 0.92 -7.40 -1.30
CA PRO A 40 -0.04 -8.16 -0.49
C PRO A 40 0.52 -9.49 -0.02
N LYS A 41 -0.14 -10.08 0.98
CA LYS A 41 0.30 -11.36 1.52
C LYS A 41 -0.67 -12.47 1.14
N HIS A 42 -0.47 -13.04 -0.05
CA HIS A 42 -1.32 -14.12 -0.54
C HIS A 42 -0.55 -15.04 -1.48
N GLU A 43 -0.58 -16.34 -1.19
CA GLU A 43 0.12 -17.32 -2.01
C GLU A 43 -0.14 -17.08 -3.50
N ASP A 44 -1.42 -16.92 -3.85
CA ASP A 44 -1.81 -16.67 -5.23
C ASP A 44 -0.89 -15.64 -5.88
N LEU A 45 -1.00 -14.40 -5.42
CA LEU A 45 -0.18 -13.32 -5.96
C LEU A 45 1.30 -13.59 -5.75
N LYS A 46 2.11 -13.22 -6.73
CA LYS A 46 3.55 -13.43 -6.65
C LYS A 46 4.30 -12.10 -6.81
N ASP A 47 3.72 -11.19 -7.58
CA ASP A 47 4.33 -9.89 -7.81
C ASP A 47 3.64 -8.81 -6.96
N MET A 48 4.33 -7.69 -6.78
CA MET A 48 3.79 -6.59 -5.99
C MET A 48 2.81 -5.75 -6.83
N LEU A 49 2.03 -4.92 -6.16
CA LEU A 49 1.06 -4.07 -6.83
C LEU A 49 1.15 -2.63 -6.32
N GLU A 50 0.31 -1.76 -6.87
CA GLU A 50 0.29 -0.35 -6.47
C GLU A 50 -1.14 0.16 -6.34
N PHE A 51 -1.43 0.78 -5.21
CA PHE A 51 -2.77 1.32 -4.96
C PHE A 51 -2.69 2.72 -4.34
N PRO A 52 -3.67 3.57 -4.68
CA PRO A 52 -3.73 4.94 -4.16
C PRO A 52 -4.06 4.99 -2.68
N ALA A 53 -3.83 6.14 -2.07
CA ALA A 53 -4.11 6.33 -0.65
C ALA A 53 -5.58 6.06 -0.34
N GLN A 54 -6.44 6.33 -1.31
CA GLN A 54 -7.88 6.11 -1.14
C GLN A 54 -8.20 4.63 -1.08
N GLU A 55 -7.52 3.84 -1.91
CA GLU A 55 -7.74 2.41 -1.95
C GLU A 55 -6.87 1.69 -0.93
N LEU A 56 -6.29 2.46 -0.02
CA LEU A 56 -5.44 1.90 1.03
C LEU A 56 -5.67 2.60 2.37
N ARG A 57 -5.97 1.82 3.39
CA ARG A 57 -6.22 2.37 4.72
C ARG A 57 -5.61 1.47 5.80
N LYS A 58 -4.95 2.09 6.77
CA LYS A 58 -4.32 1.36 7.86
C LYS A 58 -5.33 1.05 8.96
N TYR A 59 -5.31 -0.19 9.43
CA TYR A 59 -6.22 -0.62 10.49
C TYR A 59 -5.60 -0.43 11.87
N GLY A 1 6.79 15.54 -0.29
CA GLY A 1 7.63 16.40 0.52
C GLY A 1 7.51 16.09 2.00
N SER A 2 8.50 16.53 2.77
CA SER A 2 8.51 16.29 4.21
C SER A 2 7.75 17.40 4.95
N SER A 3 8.23 18.63 4.82
CA SER A 3 7.61 19.77 5.48
C SER A 3 6.20 20.00 4.92
N GLY A 4 5.30 20.44 5.80
CA GLY A 4 3.93 20.70 5.38
C GLY A 4 3.10 19.44 5.31
N SER A 5 2.62 19.11 4.11
CA SER A 5 1.80 17.92 3.91
C SER A 5 2.48 16.69 4.49
N SER A 6 1.82 16.04 5.44
CA SER A 6 2.35 14.84 6.08
C SER A 6 2.19 13.62 5.18
N GLY A 7 3.30 12.96 4.88
CA GLY A 7 3.26 11.79 4.03
C GLY A 7 3.35 10.49 4.83
N PHE A 8 3.25 9.36 4.12
CA PHE A 8 3.32 8.06 4.78
C PHE A 8 4.66 7.38 4.47
N GLN A 9 4.95 6.32 5.23
CA GLN A 9 6.20 5.58 5.06
C GLN A 9 5.91 4.12 4.75
N PRO A 10 6.72 3.54 3.84
CA PRO A 10 6.58 2.13 3.44
C PRO A 10 6.96 1.17 4.56
N GLY A 11 6.54 -0.08 4.43
CA GLY A 11 6.85 -1.09 5.44
C GLY A 11 5.78 -1.17 6.52
N ASP A 12 4.71 -0.41 6.34
CA ASP A 12 3.62 -0.40 7.32
C ASP A 12 2.53 -1.39 6.92
N ASN A 13 1.61 -1.64 7.84
CA ASN A 13 0.51 -2.57 7.59
C ASN A 13 -0.75 -1.81 7.17
N VAL A 14 -1.30 -2.19 6.02
CA VAL A 14 -2.51 -1.56 5.50
C VAL A 14 -3.45 -2.58 4.90
N GLU A 15 -4.72 -2.19 4.72
CA GLU A 15 -5.72 -3.08 4.16
C GLU A 15 -6.66 -2.32 3.22
N VAL A 16 -6.85 -2.86 2.02
CA VAL A 16 -7.72 -2.24 1.03
C VAL A 16 -9.08 -1.91 1.63
N CYS A 17 -9.64 -0.77 1.22
CA CYS A 17 -10.93 -0.33 1.71
C CYS A 17 -11.99 -0.45 0.62
N GLU A 18 -11.55 -0.40 -0.63
CA GLU A 18 -12.46 -0.49 -1.77
C GLU A 18 -11.78 -1.15 -2.97
N GLY A 19 -12.55 -1.91 -3.74
CA GLY A 19 -12.00 -2.58 -4.90
C GLY A 19 -11.98 -4.09 -4.74
N GLU A 20 -11.89 -4.81 -5.85
CA GLU A 20 -11.86 -6.27 -5.83
C GLU A 20 -10.78 -6.77 -4.87
N LEU A 21 -9.80 -5.92 -4.59
CA LEU A 21 -8.71 -6.27 -3.69
C LEU A 21 -9.10 -6.01 -2.24
N ILE A 22 -10.41 -5.92 -1.98
CA ILE A 22 -10.90 -5.68 -0.64
C ILE A 22 -10.46 -6.78 0.33
N ASN A 23 -10.60 -6.52 1.62
CA ASN A 23 -10.20 -7.48 2.64
C ASN A 23 -8.84 -8.09 2.33
N LEU A 24 -7.96 -7.28 1.77
CA LEU A 24 -6.61 -7.74 1.42
C LEU A 24 -5.55 -6.98 2.22
N GLN A 25 -4.92 -7.68 3.15
CA GLN A 25 -3.88 -7.07 3.98
C GLN A 25 -2.51 -7.26 3.35
N GLY A 26 -1.63 -6.28 3.55
CA GLY A 26 -0.29 -6.35 3.01
C GLY A 26 0.64 -5.31 3.59
N LYS A 27 1.91 -5.38 3.23
CA LYS A 27 2.91 -4.44 3.72
C LYS A 27 3.32 -3.46 2.63
N ILE A 28 3.49 -2.20 3.00
CA ILE A 28 3.89 -1.17 2.05
C ILE A 28 5.38 -1.29 1.71
N LEU A 29 5.73 -0.88 0.49
CA LEU A 29 7.12 -0.94 0.04
C LEU A 29 7.67 0.46 -0.18
N SER A 30 6.89 1.31 -0.84
CA SER A 30 7.30 2.67 -1.12
C SER A 30 6.10 3.59 -1.27
N VAL A 31 6.34 4.89 -1.21
CA VAL A 31 5.27 5.88 -1.33
C VAL A 31 5.57 6.87 -2.45
N ASP A 32 4.70 6.90 -3.45
CA ASP A 32 4.86 7.80 -4.58
C ASP A 32 3.68 8.77 -4.68
N GLY A 33 3.82 9.93 -4.05
CA GLY A 33 2.76 10.92 -4.07
C GLY A 33 1.38 10.31 -3.88
N ASN A 34 0.61 10.25 -4.96
CA ASN A 34 -0.74 9.68 -4.89
C ASN A 34 -0.70 8.16 -5.02
N LYS A 35 0.26 7.66 -5.80
CA LYS A 35 0.41 6.23 -6.01
C LYS A 35 1.29 5.62 -4.93
N ILE A 36 0.88 4.46 -4.42
CA ILE A 36 1.64 3.77 -3.38
C ILE A 36 1.91 2.32 -3.77
N THR A 37 3.16 2.02 -4.08
CA THR A 37 3.55 0.67 -4.46
C THR A 37 3.75 -0.22 -3.25
N ILE A 38 2.97 -1.29 -3.17
CA ILE A 38 3.07 -2.23 -2.05
C ILE A 38 3.01 -3.67 -2.53
N MET A 39 3.11 -4.60 -1.59
CA MET A 39 3.07 -6.03 -1.92
C MET A 39 2.15 -6.78 -0.97
N PRO A 40 1.08 -7.36 -1.51
CA PRO A 40 0.10 -8.12 -0.72
C PRO A 40 0.68 -9.43 -0.19
N LYS A 41 0.24 -9.84 1.00
CA LYS A 41 0.71 -11.07 1.61
C LYS A 41 -0.22 -12.23 1.27
N HIS A 42 -0.06 -12.78 0.07
CA HIS A 42 -0.89 -13.90 -0.38
C HIS A 42 -0.13 -14.77 -1.37
N GLU A 43 -0.02 -16.06 -1.07
CA GLU A 43 0.67 -17.00 -1.93
C GLU A 43 0.21 -16.86 -3.37
N ASP A 44 -1.08 -16.61 -3.55
CA ASP A 44 -1.65 -16.44 -4.88
C ASP A 44 -0.97 -15.32 -5.64
N LEU A 45 -1.05 -14.11 -5.09
CA LEU A 45 -0.44 -12.94 -5.72
C LEU A 45 1.05 -12.89 -5.42
N LYS A 46 1.86 -13.44 -6.33
CA LYS A 46 3.30 -13.46 -6.17
C LYS A 46 3.90 -12.11 -6.56
N ASP A 47 3.37 -11.50 -7.60
CA ASP A 47 3.85 -10.21 -8.08
C ASP A 47 3.37 -9.09 -7.17
N MET A 48 4.07 -7.97 -7.21
CA MET A 48 3.71 -6.81 -6.38
C MET A 48 2.65 -5.96 -7.07
N LEU A 49 2.02 -5.08 -6.30
CA LEU A 49 0.98 -4.21 -6.84
C LEU A 49 1.15 -2.78 -6.33
N GLU A 50 0.39 -1.86 -6.91
CA GLU A 50 0.47 -0.45 -6.52
C GLU A 50 -0.94 0.15 -6.40
N PHE A 51 -1.26 0.67 -5.23
CA PHE A 51 -2.57 1.29 -5.00
C PHE A 51 -2.41 2.68 -4.40
N PRO A 52 -3.40 3.55 -4.67
CA PRO A 52 -3.40 4.93 -4.18
C PRO A 52 -3.61 5.00 -2.67
N ALA A 53 -2.97 5.97 -2.03
CA ALA A 53 -3.10 6.15 -0.59
C ALA A 53 -4.56 6.09 -0.15
N GLN A 54 -5.46 6.40 -1.07
CA GLN A 54 -6.89 6.38 -0.78
C GLN A 54 -7.42 4.95 -0.75
N GLU A 55 -7.01 4.16 -1.72
CA GLU A 55 -7.45 2.76 -1.81
C GLU A 55 -6.97 1.97 -0.61
N LEU A 56 -5.81 2.33 -0.08
CA LEU A 56 -5.23 1.66 1.07
C LEU A 56 -5.60 2.38 2.36
N ARG A 57 -6.08 1.63 3.34
CA ARG A 57 -6.47 2.19 4.63
C ARG A 57 -5.48 1.79 5.72
N LYS A 58 -5.27 2.67 6.69
CA LYS A 58 -4.35 2.41 7.78
C LYS A 58 -5.10 1.84 8.98
N TYR A 59 -4.73 0.62 9.38
CA TYR A 59 -5.36 -0.04 10.51
C TYR A 59 -4.32 -0.57 11.49
N GLY A 1 23.20 12.60 7.88
CA GLY A 1 22.22 12.84 8.92
C GLY A 1 20.99 13.55 8.40
N SER A 2 20.27 12.90 7.49
CA SER A 2 19.06 13.49 6.92
C SER A 2 17.89 12.50 7.02
N SER A 3 17.08 12.68 8.06
CA SER A 3 15.93 11.81 8.26
C SER A 3 14.65 12.63 8.35
N GLY A 4 13.51 11.95 8.15
CA GLY A 4 12.23 12.63 8.20
C GLY A 4 11.70 12.96 6.82
N SER A 5 10.60 12.33 6.43
CA SER A 5 9.99 12.55 5.13
C SER A 5 8.50 12.88 5.27
N SER A 6 8.02 13.76 4.41
CA SER A 6 6.62 14.17 4.43
C SER A 6 5.74 13.12 3.76
N GLY A 7 4.60 12.83 4.37
CA GLY A 7 3.69 11.85 3.82
C GLY A 7 3.70 10.55 4.59
N PHE A 8 3.48 9.44 3.88
CA PHE A 8 3.47 8.12 4.52
C PHE A 8 4.77 7.37 4.23
N GLN A 9 5.13 6.49 5.15
CA GLN A 9 6.36 5.70 5.01
C GLN A 9 6.04 4.23 4.76
N PRO A 10 6.83 3.60 3.88
CA PRO A 10 6.65 2.18 3.53
C PRO A 10 7.02 1.25 4.68
N GLY A 11 6.53 0.01 4.61
CA GLY A 11 6.81 -0.96 5.66
C GLY A 11 5.70 -1.06 6.67
N ASP A 12 4.69 -0.20 6.54
CA ASP A 12 3.55 -0.21 7.44
C ASP A 12 2.49 -1.19 6.99
N ASN A 13 1.67 -1.65 7.93
CA ASN A 13 0.61 -2.60 7.62
C ASN A 13 -0.67 -1.88 7.21
N VAL A 14 -1.15 -2.16 6.01
CA VAL A 14 -2.37 -1.53 5.50
C VAL A 14 -3.26 -2.56 4.79
N GLU A 15 -4.47 -2.14 4.46
CA GLU A 15 -5.42 -3.02 3.77
C GLU A 15 -6.32 -2.22 2.83
N VAL A 16 -6.81 -2.89 1.79
CA VAL A 16 -7.69 -2.25 0.82
C VAL A 16 -9.06 -1.95 1.42
N CYS A 17 -9.58 -0.77 1.14
CA CYS A 17 -10.88 -0.36 1.64
C CYS A 17 -12.00 -0.86 0.74
N GLU A 18 -11.87 -0.59 -0.56
CA GLU A 18 -12.88 -1.01 -1.53
C GLU A 18 -12.21 -1.58 -2.78
N GLY A 19 -12.99 -2.30 -3.58
CA GLY A 19 -12.47 -2.89 -4.80
C GLY A 19 -12.29 -4.39 -4.69
N GLU A 20 -12.21 -5.06 -5.83
CA GLU A 20 -12.04 -6.52 -5.85
C GLU A 20 -10.95 -6.95 -4.89
N LEU A 21 -9.94 -6.09 -4.72
CA LEU A 21 -8.83 -6.39 -3.82
C LEU A 21 -9.17 -6.02 -2.39
N ILE A 22 -10.47 -5.98 -2.09
CA ILE A 22 -10.92 -5.64 -0.74
C ILE A 22 -10.43 -6.66 0.27
N ASN A 23 -10.50 -6.29 1.55
CA ASN A 23 -10.05 -7.17 2.62
C ASN A 23 -8.71 -7.81 2.28
N LEU A 24 -7.84 -7.04 1.66
CA LEU A 24 -6.51 -7.53 1.27
C LEU A 24 -5.43 -6.88 2.13
N GLN A 25 -4.92 -7.64 3.09
CA GLN A 25 -3.86 -7.15 3.98
C GLN A 25 -2.50 -7.24 3.31
N GLY A 26 -1.60 -6.32 3.66
CA GLY A 26 -0.27 -6.33 3.09
C GLY A 26 0.61 -5.24 3.65
N LYS A 27 1.91 -5.31 3.38
CA LYS A 27 2.85 -4.32 3.85
C LYS A 27 3.28 -3.38 2.73
N ILE A 28 3.54 -2.13 3.08
CA ILE A 28 3.96 -1.13 2.10
C ILE A 28 5.46 -1.25 1.80
N LEU A 29 5.83 -0.98 0.56
CA LEU A 29 7.22 -1.05 0.14
C LEU A 29 7.77 0.34 -0.16
N SER A 30 6.93 1.19 -0.75
CA SER A 30 7.33 2.55 -1.09
C SER A 30 6.12 3.45 -1.26
N VAL A 31 6.36 4.76 -1.29
CA VAL A 31 5.28 5.72 -1.45
C VAL A 31 5.56 6.69 -2.59
N ASP A 32 4.68 6.69 -3.59
CA ASP A 32 4.85 7.56 -4.75
C ASP A 32 3.67 8.54 -4.85
N GLY A 33 3.82 9.69 -4.20
CA GLY A 33 2.77 10.70 -4.22
C GLY A 33 1.39 10.10 -4.03
N ASN A 34 0.56 10.18 -5.06
CA ASN A 34 -0.80 9.65 -5.00
C ASN A 34 -0.79 8.13 -5.09
N LYS A 35 0.23 7.59 -5.77
CA LYS A 35 0.35 6.15 -5.92
C LYS A 35 1.24 5.55 -4.83
N ILE A 36 0.87 4.37 -4.36
CA ILE A 36 1.64 3.69 -3.32
C ILE A 36 1.93 2.24 -3.70
N THR A 37 3.21 1.95 -3.96
CA THR A 37 3.63 0.61 -4.33
C THR A 37 3.79 -0.28 -3.11
N ILE A 38 3.00 -1.35 -3.05
CA ILE A 38 3.06 -2.28 -1.93
C ILE A 38 2.97 -3.73 -2.41
N MET A 39 3.04 -4.66 -1.47
CA MET A 39 2.96 -6.08 -1.81
C MET A 39 2.09 -6.82 -0.80
N PRO A 40 0.98 -7.41 -1.29
CA PRO A 40 0.04 -8.16 -0.46
C PRO A 40 0.63 -9.46 0.05
N LYS A 41 0.00 -10.04 1.07
CA LYS A 41 0.47 -11.29 1.65
C LYS A 41 -0.50 -12.43 1.33
N HIS A 42 -0.39 -12.97 0.11
CA HIS A 42 -1.25 -14.06 -0.32
C HIS A 42 -0.43 -15.18 -0.95
N GLU A 43 -1.11 -16.24 -1.37
CA GLU A 43 -0.44 -17.38 -1.99
C GLU A 43 -0.47 -17.27 -3.52
N ASP A 44 -1.57 -16.75 -4.04
CA ASP A 44 -1.73 -16.58 -5.48
C ASP A 44 -0.84 -15.46 -6.00
N LEU A 45 -1.14 -14.24 -5.58
CA LEU A 45 -0.36 -13.07 -6.00
C LEU A 45 1.13 -13.29 -5.75
N LYS A 46 1.90 -13.36 -6.83
CA LYS A 46 3.34 -13.56 -6.74
C LYS A 46 4.09 -12.33 -7.20
N ASP A 47 3.47 -11.16 -7.08
CA ASP A 47 4.08 -9.91 -7.49
C ASP A 47 3.53 -8.74 -6.67
N MET A 48 4.18 -7.60 -6.78
CA MET A 48 3.77 -6.41 -6.04
C MET A 48 2.68 -5.64 -6.81
N LEU A 49 1.99 -4.76 -6.11
CA LEU A 49 0.92 -3.97 -6.73
C LEU A 49 1.05 -2.50 -6.35
N GLU A 50 0.26 -1.66 -7.00
CA GLU A 50 0.28 -0.22 -6.72
C GLU A 50 -1.13 0.32 -6.54
N PHE A 51 -1.40 0.85 -5.36
CA PHE A 51 -2.72 1.40 -5.04
C PHE A 51 -2.60 2.83 -4.53
N PRO A 52 -3.65 3.63 -4.78
CA PRO A 52 -3.69 5.03 -4.36
C PRO A 52 -3.82 5.18 -2.84
N ALA A 53 -3.24 6.25 -2.30
CA ALA A 53 -3.29 6.50 -0.87
C ALA A 53 -4.73 6.48 -0.36
N GLN A 54 -5.68 6.57 -1.28
CA GLN A 54 -7.09 6.55 -0.92
C GLN A 54 -7.62 5.13 -0.82
N GLU A 55 -7.03 4.23 -1.61
CA GLU A 55 -7.44 2.83 -1.61
C GLU A 55 -6.76 2.06 -0.49
N LEU A 56 -5.68 2.63 0.04
CA LEU A 56 -4.93 1.99 1.12
C LEU A 56 -5.21 2.68 2.45
N ARG A 57 -5.54 1.89 3.47
CA ARG A 57 -5.83 2.42 4.79
C ARG A 57 -5.29 1.49 5.88
N LYS A 58 -5.01 2.06 7.05
CA LYS A 58 -4.49 1.29 8.17
C LYS A 58 -5.62 0.55 8.88
N TYR A 59 -5.32 -0.66 9.34
CA TYR A 59 -6.31 -1.48 10.04
C TYR A 59 -7.09 -0.65 11.05
N GLY A 1 10.94 12.45 -5.71
CA GLY A 1 10.86 13.81 -6.19
C GLY A 1 11.72 14.76 -5.39
N SER A 2 11.17 15.30 -4.32
CA SER A 2 11.90 16.24 -3.47
C SER A 2 12.86 15.49 -2.54
N SER A 3 13.67 16.25 -1.81
CA SER A 3 14.63 15.66 -0.88
C SER A 3 14.02 14.48 -0.15
N GLY A 4 12.95 14.74 0.61
CA GLY A 4 12.29 13.69 1.36
C GLY A 4 10.93 14.11 1.88
N SER A 5 10.08 14.58 0.98
CA SER A 5 8.74 15.04 1.36
C SER A 5 7.68 14.06 0.86
N SER A 6 7.56 12.93 1.53
CA SER A 6 6.59 11.91 1.15
C SER A 6 5.47 11.80 2.20
N GLY A 7 4.24 11.76 1.72
CA GLY A 7 3.10 11.65 2.63
C GLY A 7 3.22 10.48 3.57
N PHE A 8 3.05 9.27 3.03
CA PHE A 8 3.13 8.05 3.84
C PHE A 8 4.46 7.35 3.62
N GLN A 9 4.91 6.62 4.63
CA GLN A 9 6.18 5.90 4.54
C GLN A 9 5.94 4.39 4.50
N PRO A 10 6.74 3.69 3.67
CA PRO A 10 6.63 2.23 3.51
C PRO A 10 7.08 1.48 4.75
N GLY A 11 6.69 0.22 4.85
CA GLY A 11 7.07 -0.59 6.00
C GLY A 11 5.94 -0.76 6.98
N ASP A 12 4.85 -0.02 6.78
CA ASP A 12 3.69 -0.10 7.65
C ASP A 12 2.66 -1.09 7.13
N ASN A 13 1.69 -1.43 7.97
CA ASN A 13 0.65 -2.38 7.59
C ASN A 13 -0.63 -1.64 7.20
N VAL A 14 -1.19 -2.03 6.06
CA VAL A 14 -2.42 -1.41 5.56
C VAL A 14 -3.29 -2.43 4.83
N GLU A 15 -4.54 -2.06 4.58
CA GLU A 15 -5.47 -2.94 3.88
C GLU A 15 -6.33 -2.16 2.90
N VAL A 16 -6.94 -2.88 1.96
CA VAL A 16 -7.79 -2.24 0.95
C VAL A 16 -9.20 -2.02 1.48
N CYS A 17 -9.75 -0.85 1.22
CA CYS A 17 -11.10 -0.51 1.67
C CYS A 17 -12.07 -0.45 0.50
N GLU A 18 -11.52 -0.25 -0.70
CA GLU A 18 -12.34 -0.16 -1.91
C GLU A 18 -11.65 -0.86 -3.08
N GLY A 19 -12.42 -1.16 -4.12
CA GLY A 19 -11.86 -1.81 -5.29
C GLY A 19 -11.99 -3.32 -5.23
N GLU A 20 -12.04 -3.96 -6.40
CA GLU A 20 -12.18 -5.40 -6.47
C GLU A 20 -11.14 -6.09 -5.58
N LEU A 21 -10.04 -5.40 -5.32
CA LEU A 21 -8.97 -5.94 -4.48
C LEU A 21 -9.26 -5.67 -3.01
N ILE A 22 -10.53 -5.78 -2.63
CA ILE A 22 -10.93 -5.55 -1.24
C ILE A 22 -10.49 -6.70 -0.34
N ASN A 23 -10.44 -6.44 0.96
CA ASN A 23 -10.04 -7.46 1.92
C ASN A 23 -8.62 -7.96 1.64
N LEU A 24 -7.78 -7.06 1.17
CA LEU A 24 -6.39 -7.40 0.85
C LEU A 24 -5.42 -6.64 1.75
N GLN A 25 -4.86 -7.32 2.73
CA GLN A 25 -3.91 -6.71 3.66
C GLN A 25 -2.48 -7.06 3.28
N GLY A 26 -1.54 -6.18 3.63
CA GLY A 26 -0.15 -6.42 3.33
C GLY A 26 0.76 -5.32 3.85
N LYS A 27 2.05 -5.43 3.58
CA LYS A 27 3.02 -4.44 4.03
C LYS A 27 3.36 -3.46 2.91
N ILE A 28 3.70 -2.23 3.28
CA ILE A 28 4.04 -1.21 2.30
C ILE A 28 5.53 -1.26 1.95
N LEU A 29 5.83 -1.10 0.67
CA LEU A 29 7.22 -1.13 0.21
C LEU A 29 7.71 0.28 -0.10
N SER A 30 6.90 1.05 -0.82
CA SER A 30 7.25 2.41 -1.19
C SER A 30 6.01 3.25 -1.42
N VAL A 31 6.17 4.57 -1.41
CA VAL A 31 5.07 5.49 -1.63
C VAL A 31 5.38 6.47 -2.75
N ASP A 32 4.66 6.33 -3.86
CA ASP A 32 4.85 7.21 -5.02
C ASP A 32 3.79 8.29 -5.06
N GLY A 33 4.04 9.40 -4.37
CA GLY A 33 3.08 10.49 -4.35
C GLY A 33 1.67 10.02 -4.12
N ASN A 34 0.90 9.88 -5.19
CA ASN A 34 -0.48 9.43 -5.10
C ASN A 34 -0.56 7.90 -5.13
N LYS A 35 0.36 7.28 -5.86
CA LYS A 35 0.39 5.83 -5.95
C LYS A 35 1.24 5.22 -4.84
N ILE A 36 0.78 4.09 -4.31
CA ILE A 36 1.49 3.41 -3.23
C ILE A 36 1.83 1.98 -3.62
N THR A 37 3.11 1.73 -3.87
CA THR A 37 3.57 0.40 -4.26
C THR A 37 3.78 -0.48 -3.04
N ILE A 38 2.97 -1.52 -2.90
CA ILE A 38 3.07 -2.44 -1.77
C ILE A 38 3.01 -3.89 -2.24
N MET A 39 3.08 -4.81 -1.28
CA MET A 39 3.02 -6.24 -1.60
C MET A 39 2.02 -6.95 -0.70
N PRO A 40 0.96 -7.49 -1.31
CA PRO A 40 -0.09 -8.21 -0.58
C PRO A 40 0.40 -9.55 -0.04
N LYS A 41 0.04 -9.84 1.22
CA LYS A 41 0.45 -11.09 1.85
C LYS A 41 -0.43 -12.25 1.37
N HIS A 42 -0.04 -12.83 0.23
CA HIS A 42 -0.78 -13.95 -0.33
C HIS A 42 0.12 -14.78 -1.26
N GLU A 43 -0.16 -16.08 -1.33
CA GLU A 43 0.62 -16.98 -2.17
C GLU A 43 0.30 -16.77 -3.65
N ASP A 44 -1.00 -16.82 -3.97
CA ASP A 44 -1.44 -16.64 -5.35
C ASP A 44 -0.76 -15.43 -5.99
N LEU A 45 -0.97 -14.25 -5.42
CA LEU A 45 -0.37 -13.03 -5.93
C LEU A 45 1.11 -12.95 -5.58
N LYS A 46 1.95 -13.11 -6.59
CA LYS A 46 3.40 -13.06 -6.39
C LYS A 46 3.93 -11.65 -6.63
N ASP A 47 3.65 -11.10 -7.79
CA ASP A 47 4.10 -9.75 -8.14
C ASP A 47 3.49 -8.72 -7.20
N MET A 48 4.09 -7.54 -7.15
CA MET A 48 3.60 -6.47 -6.30
C MET A 48 2.52 -5.64 -7.00
N LEU A 49 1.85 -4.78 -6.26
CA LEU A 49 0.80 -3.94 -6.83
C LEU A 49 0.96 -2.49 -6.37
N GLU A 50 0.15 -1.60 -6.92
CA GLU A 50 0.20 -0.19 -6.58
C GLU A 50 -1.20 0.36 -6.32
N PHE A 51 -1.46 0.75 -5.08
CA PHE A 51 -2.76 1.29 -4.70
C PHE A 51 -2.62 2.70 -4.15
N PRO A 52 -3.65 3.54 -4.37
CA PRO A 52 -3.67 4.93 -3.90
C PRO A 52 -3.78 5.03 -2.38
N ALA A 53 -3.44 6.19 -1.85
CA ALA A 53 -3.51 6.41 -0.41
C ALA A 53 -4.96 6.40 0.08
N GLN A 54 -5.90 6.29 -0.86
CA GLN A 54 -7.32 6.27 -0.52
C GLN A 54 -7.82 4.84 -0.39
N GLU A 55 -7.30 3.96 -1.23
CA GLU A 55 -7.70 2.56 -1.21
C GLU A 55 -7.11 1.84 0.01
N LEU A 56 -5.88 2.18 0.34
CA LEU A 56 -5.20 1.57 1.49
C LEU A 56 -5.43 2.39 2.76
N ARG A 57 -5.45 1.71 3.89
CA ARG A 57 -5.67 2.37 5.17
C ARG A 57 -5.04 1.57 6.31
N LYS A 58 -4.86 2.22 7.46
CA LYS A 58 -4.27 1.57 8.62
C LYS A 58 -5.34 0.83 9.42
N TYR A 59 -5.12 -0.48 9.59
CA TYR A 59 -6.07 -1.31 10.34
C TYR A 59 -5.40 -1.90 11.58
N GLY A 1 18.19 11.50 -1.02
CA GLY A 1 16.75 11.38 -1.10
C GLY A 1 16.04 11.97 0.11
N SER A 2 14.71 11.99 0.07
CA SER A 2 13.92 12.55 1.17
C SER A 2 13.70 11.50 2.25
N SER A 3 14.24 11.77 3.44
CA SER A 3 14.10 10.85 4.56
C SER A 3 12.79 11.09 5.31
N GLY A 4 11.77 10.32 4.96
CA GLY A 4 10.48 10.47 5.60
C GLY A 4 9.42 11.02 4.67
N SER A 5 9.05 10.23 3.66
CA SER A 5 8.05 10.64 2.68
C SER A 5 6.94 11.44 3.36
N SER A 6 6.54 12.54 2.73
CA SER A 6 5.49 13.39 3.28
C SER A 6 4.12 12.76 3.08
N GLY A 7 3.61 12.12 4.13
CA GLY A 7 2.31 11.48 4.05
C GLY A 7 2.30 10.11 4.69
N PHE A 8 2.85 9.12 3.99
CA PHE A 8 2.88 7.76 4.49
C PHE A 8 4.24 7.11 4.19
N GLN A 9 4.74 6.32 5.14
CA GLN A 9 6.02 5.64 4.97
C GLN A 9 5.82 4.14 4.78
N PRO A 10 6.66 3.55 3.92
CA PRO A 10 6.61 2.11 3.63
C PRO A 10 7.05 1.26 4.82
N GLY A 11 6.61 0.00 4.84
CA GLY A 11 6.97 -0.89 5.92
C GLY A 11 5.80 -1.20 6.83
N ASP A 12 4.94 -0.20 7.05
CA ASP A 12 3.78 -0.38 7.91
C ASP A 12 2.82 -1.40 7.33
N ASN A 13 1.74 -1.69 8.06
CA ASN A 13 0.75 -2.65 7.62
C ASN A 13 -0.58 -1.97 7.31
N VAL A 14 -1.00 -2.05 6.05
CA VAL A 14 -2.26 -1.43 5.63
C VAL A 14 -3.21 -2.48 5.06
N GLU A 15 -4.41 -2.05 4.71
CA GLU A 15 -5.41 -2.94 4.15
C GLU A 15 -6.41 -2.17 3.28
N VAL A 16 -6.61 -2.66 2.06
CA VAL A 16 -7.53 -2.03 1.13
C VAL A 16 -8.92 -1.87 1.75
N CYS A 17 -9.52 -0.69 1.55
CA CYS A 17 -10.85 -0.42 2.10
C CYS A 17 -11.92 -0.66 1.04
N GLU A 18 -11.63 -0.24 -0.19
CA GLU A 18 -12.58 -0.41 -1.29
C GLU A 18 -11.89 -1.00 -2.51
N GLY A 19 -12.69 -1.38 -3.51
CA GLY A 19 -12.14 -1.96 -4.72
C GLY A 19 -12.08 -3.47 -4.67
N GLU A 20 -12.31 -4.11 -5.81
CA GLU A 20 -12.29 -5.57 -5.88
C GLU A 20 -11.25 -6.15 -4.94
N LEU A 21 -10.14 -5.42 -4.77
CA LEU A 21 -9.06 -5.86 -3.88
C LEU A 21 -9.36 -5.48 -2.43
N ILE A 22 -10.62 -5.57 -2.04
CA ILE A 22 -11.02 -5.23 -0.68
C ILE A 22 -10.55 -6.30 0.31
N ASN A 23 -10.60 -5.96 1.60
CA ASN A 23 -10.17 -6.88 2.65
C ASN A 23 -8.82 -7.51 2.32
N LEU A 24 -7.97 -6.72 1.67
CA LEU A 24 -6.63 -7.20 1.30
C LEU A 24 -5.56 -6.49 2.12
N GLN A 25 -5.01 -7.19 3.11
CA GLN A 25 -3.97 -6.63 3.96
C GLN A 25 -2.58 -6.94 3.40
N GLY A 26 -1.58 -6.19 3.87
CA GLY A 26 -0.23 -6.41 3.40
C GLY A 26 0.73 -5.34 3.90
N LYS A 27 2.01 -5.48 3.54
CA LYS A 27 3.02 -4.53 3.96
C LYS A 27 3.34 -3.54 2.85
N ILE A 28 3.72 -2.32 3.23
CA ILE A 28 4.05 -1.29 2.26
C ILE A 28 5.55 -1.32 1.91
N LEU A 29 5.85 -1.13 0.63
CA LEU A 29 7.24 -1.13 0.18
C LEU A 29 7.75 0.30 -0.01
N SER A 30 6.98 1.10 -0.75
CA SER A 30 7.35 2.48 -1.01
C SER A 30 6.11 3.34 -1.23
N VAL A 31 6.31 4.66 -1.30
CA VAL A 31 5.21 5.59 -1.51
C VAL A 31 5.48 6.50 -2.70
N ASP A 32 4.62 6.40 -3.71
CA ASP A 32 4.75 7.21 -4.92
C ASP A 32 3.62 8.23 -5.01
N GLY A 33 3.85 9.42 -4.45
CA GLY A 33 2.85 10.46 -4.49
C GLY A 33 1.45 9.94 -4.18
N ASN A 34 0.64 9.79 -5.22
CA ASN A 34 -0.72 9.30 -5.06
C ASN A 34 -0.75 7.78 -5.04
N LYS A 35 0.11 7.16 -5.84
CA LYS A 35 0.19 5.71 -5.92
C LYS A 35 1.16 5.16 -4.88
N ILE A 36 0.79 4.06 -4.24
CA ILE A 36 1.64 3.44 -3.24
C ILE A 36 1.98 1.99 -3.62
N THR A 37 3.25 1.75 -3.93
CA THR A 37 3.70 0.43 -4.31
C THR A 37 3.90 -0.46 -3.08
N ILE A 38 3.08 -1.50 -2.97
CA ILE A 38 3.18 -2.43 -1.85
C ILE A 38 3.14 -3.87 -2.33
N MET A 39 3.20 -4.80 -1.38
CA MET A 39 3.17 -6.23 -1.70
C MET A 39 2.23 -6.97 -0.77
N PRO A 40 1.07 -7.39 -1.30
CA PRO A 40 0.06 -8.11 -0.54
C PRO A 40 0.51 -9.53 -0.18
N LYS A 41 0.34 -9.89 1.08
CA LYS A 41 0.73 -11.22 1.56
C LYS A 41 -0.23 -12.28 1.04
N HIS A 42 0.00 -12.74 -0.18
CA HIS A 42 -0.85 -13.75 -0.78
C HIS A 42 -0.02 -14.70 -1.65
N GLU A 43 -0.26 -16.00 -1.50
CA GLU A 43 0.46 -17.02 -2.25
C GLU A 43 0.17 -16.88 -3.75
N ASP A 44 -1.10 -16.69 -4.08
CA ASP A 44 -1.52 -16.54 -5.48
C ASP A 44 -0.75 -15.42 -6.15
N LEU A 45 -0.83 -14.23 -5.57
CA LEU A 45 -0.15 -13.06 -6.12
C LEU A 45 1.35 -13.12 -5.84
N LYS A 46 2.16 -13.04 -6.89
CA LYS A 46 3.60 -13.08 -6.75
C LYS A 46 4.21 -11.69 -6.97
N ASP A 47 3.76 -11.02 -8.03
CA ASP A 47 4.26 -9.69 -8.34
C ASP A 47 3.57 -8.62 -7.49
N MET A 48 4.32 -7.60 -7.10
CA MET A 48 3.78 -6.54 -6.28
C MET A 48 2.79 -5.69 -7.07
N LEU A 49 2.02 -4.87 -6.36
CA LEU A 49 1.02 -4.01 -7.00
C LEU A 49 1.15 -2.57 -6.53
N GLU A 50 0.35 -1.68 -7.11
CA GLU A 50 0.39 -0.27 -6.74
C GLU A 50 -1.02 0.27 -6.56
N PHE A 51 -1.36 0.64 -5.32
CA PHE A 51 -2.68 1.17 -5.02
C PHE A 51 -2.58 2.60 -4.48
N PRO A 52 -3.60 3.42 -4.77
CA PRO A 52 -3.64 4.81 -4.32
C PRO A 52 -3.86 4.92 -2.81
N ALA A 53 -3.39 6.03 -2.24
CA ALA A 53 -3.53 6.26 -0.80
C ALA A 53 -4.98 6.11 -0.36
N GLN A 54 -5.91 6.45 -1.26
CA GLN A 54 -7.33 6.34 -0.95
C GLN A 54 -7.77 4.88 -0.87
N GLU A 55 -7.22 4.07 -1.77
CA GLU A 55 -7.56 2.64 -1.80
C GLU A 55 -7.02 1.93 -0.56
N LEU A 56 -5.81 2.29 -0.16
CA LEU A 56 -5.18 1.68 1.01
C LEU A 56 -5.49 2.47 2.27
N ARG A 57 -6.07 1.80 3.26
CA ARG A 57 -6.43 2.43 4.52
C ARG A 57 -5.73 1.76 5.69
N LYS A 58 -5.41 2.54 6.72
CA LYS A 58 -4.73 2.02 7.90
C LYS A 58 -5.75 1.60 8.96
N TYR A 59 -5.57 0.40 9.50
CA TYR A 59 -6.47 -0.12 10.52
C TYR A 59 -5.82 -0.05 11.90
N GLY A 1 19.75 12.83 2.20
CA GLY A 1 19.38 12.33 3.51
C GLY A 1 17.92 12.53 3.83
N SER A 2 17.59 12.46 5.11
CA SER A 2 16.20 12.63 5.55
C SER A 2 16.03 13.94 6.31
N SER A 3 15.03 14.72 5.92
CA SER A 3 14.76 16.00 6.56
C SER A 3 13.49 15.93 7.41
N GLY A 4 12.46 15.30 6.86
CA GLY A 4 11.20 15.17 7.59
C GLY A 4 10.08 14.65 6.71
N SER A 5 9.85 13.35 6.75
CA SER A 5 8.81 12.73 5.94
C SER A 5 7.53 13.57 5.98
N SER A 6 6.89 13.73 4.82
CA SER A 6 5.67 14.50 4.72
C SER A 6 4.45 13.60 4.70
N GLY A 7 4.46 12.60 3.82
CA GLY A 7 3.35 11.68 3.72
C GLY A 7 3.62 10.36 4.43
N PHE A 8 2.87 9.33 4.06
CA PHE A 8 3.04 8.01 4.66
C PHE A 8 4.37 7.38 4.26
N GLN A 9 4.92 6.56 5.14
CA GLN A 9 6.19 5.91 4.88
C GLN A 9 5.99 4.40 4.70
N PRO A 10 6.81 3.80 3.81
CA PRO A 10 6.74 2.36 3.53
C PRO A 10 7.22 1.52 4.70
N GLY A 11 6.86 0.24 4.69
CA GLY A 11 7.26 -0.66 5.76
C GLY A 11 6.12 -0.96 6.72
N ASP A 12 5.12 -0.09 6.74
CA ASP A 12 3.97 -0.27 7.62
C ASP A 12 2.95 -1.21 7.01
N ASN A 13 1.97 -1.62 7.80
CA ASN A 13 0.93 -2.54 7.32
C ASN A 13 -0.36 -1.78 7.03
N VAL A 14 -1.07 -2.22 5.99
CA VAL A 14 -2.32 -1.59 5.59
C VAL A 14 -3.24 -2.58 4.89
N GLU A 15 -4.44 -2.13 4.55
CA GLU A 15 -5.41 -2.97 3.87
C GLU A 15 -6.29 -2.16 2.93
N VAL A 16 -6.89 -2.84 1.96
CA VAL A 16 -7.75 -2.17 0.98
C VAL A 16 -9.16 -1.96 1.55
N CYS A 17 -9.77 -0.84 1.19
CA CYS A 17 -11.11 -0.51 1.65
C CYS A 17 -12.11 -0.59 0.51
N GLU A 18 -11.65 -0.34 -0.71
CA GLU A 18 -12.51 -0.37 -1.88
C GLU A 18 -11.77 -0.96 -3.08
N GLY A 19 -12.53 -1.40 -4.08
CA GLY A 19 -11.93 -1.98 -5.27
C GLY A 19 -12.02 -3.49 -5.29
N GLU A 20 -11.79 -4.09 -6.45
CA GLU A 20 -11.84 -5.54 -6.60
C GLU A 20 -10.88 -6.22 -5.63
N LEU A 21 -9.70 -5.62 -5.45
CA LEU A 21 -8.69 -6.18 -4.56
C LEU A 21 -8.97 -5.78 -3.12
N ILE A 22 -10.24 -5.77 -2.74
CA ILE A 22 -10.64 -5.42 -1.39
C ILE A 22 -10.14 -6.44 -0.38
N ASN A 23 -10.24 -6.11 0.90
CA ASN A 23 -9.81 -7.00 1.97
C ASN A 23 -8.42 -7.58 1.66
N LEU A 24 -7.53 -6.72 1.17
CA LEU A 24 -6.17 -7.15 0.83
C LEU A 24 -5.15 -6.43 1.71
N GLN A 25 -4.63 -7.14 2.70
CA GLN A 25 -3.63 -6.55 3.61
C GLN A 25 -2.22 -6.90 3.15
N GLY A 26 -1.25 -6.12 3.60
CA GLY A 26 0.13 -6.35 3.24
C GLY A 26 1.06 -5.28 3.76
N LYS A 27 2.34 -5.39 3.40
CA LYS A 27 3.34 -4.42 3.84
C LYS A 27 3.64 -3.41 2.73
N ILE A 28 3.94 -2.18 3.13
CA ILE A 28 4.25 -1.12 2.18
C ILE A 28 5.73 -1.13 1.80
N LEU A 29 6.03 -0.82 0.55
CA LEU A 29 7.40 -0.80 0.07
C LEU A 29 7.88 0.64 -0.12
N SER A 30 7.08 1.43 -0.83
CA SER A 30 7.43 2.83 -1.09
C SER A 30 6.17 3.67 -1.27
N VAL A 31 6.35 4.98 -1.40
CA VAL A 31 5.23 5.90 -1.58
C VAL A 31 5.51 6.87 -2.71
N ASP A 32 4.73 6.77 -3.78
CA ASP A 32 4.87 7.64 -4.94
C ASP A 32 3.71 8.62 -5.03
N GLY A 33 3.82 9.73 -4.33
CA GLY A 33 2.78 10.74 -4.34
C GLY A 33 1.42 10.16 -3.96
N ASN A 34 0.57 9.95 -4.96
CA ASN A 34 -0.76 9.41 -4.72
C ASN A 34 -0.75 7.88 -4.79
N LYS A 35 0.18 7.34 -5.57
CA LYS A 35 0.31 5.90 -5.72
C LYS A 35 1.16 5.30 -4.60
N ILE A 36 0.79 4.11 -4.15
CA ILE A 36 1.52 3.43 -3.09
C ILE A 36 1.86 2.00 -3.48
N THR A 37 3.08 1.79 -3.97
CA THR A 37 3.52 0.46 -4.38
C THR A 37 3.79 -0.43 -3.17
N ILE A 38 2.96 -1.44 -2.99
CA ILE A 38 3.12 -2.37 -1.87
C ILE A 38 2.97 -3.82 -2.33
N MET A 39 3.12 -4.74 -1.39
CA MET A 39 2.99 -6.16 -1.71
C MET A 39 2.03 -6.86 -0.74
N PRO A 40 0.93 -7.38 -1.29
CA PRO A 40 -0.10 -8.07 -0.50
C PRO A 40 0.39 -9.41 0.04
N LYS A 41 -0.31 -9.94 1.03
CA LYS A 41 0.04 -11.22 1.64
C LYS A 41 -0.97 -12.30 1.29
N HIS A 42 -0.67 -13.06 0.24
CA HIS A 42 -1.56 -14.13 -0.20
C HIS A 42 -0.77 -15.33 -0.71
N GLU A 43 -1.46 -16.41 -1.01
CA GLU A 43 -0.82 -17.63 -1.51
C GLU A 43 -0.89 -17.68 -3.04
N ASP A 44 -1.87 -17.00 -3.61
CA ASP A 44 -2.06 -16.98 -5.05
C ASP A 44 -1.25 -15.85 -5.68
N LEU A 45 -1.31 -14.68 -5.07
CA LEU A 45 -0.57 -13.52 -5.56
C LEU A 45 0.93 -13.76 -5.56
N LYS A 46 1.60 -13.34 -6.62
CA LYS A 46 3.04 -13.52 -6.74
C LYS A 46 3.74 -12.17 -6.90
N ASP A 47 3.35 -11.42 -7.93
CA ASP A 47 3.94 -10.11 -8.19
C ASP A 47 3.41 -9.07 -7.21
N MET A 48 4.07 -7.92 -7.17
CA MET A 48 3.67 -6.84 -6.28
C MET A 48 2.57 -5.98 -6.92
N LEU A 49 2.08 -5.00 -6.17
CA LEU A 49 1.03 -4.11 -6.67
C LEU A 49 1.17 -2.72 -6.06
N GLU A 50 0.37 -1.78 -6.55
CA GLU A 50 0.40 -0.41 -6.06
C GLU A 50 -1.00 0.19 -6.03
N PHE A 51 -1.47 0.52 -4.84
CA PHE A 51 -2.80 1.10 -4.67
C PHE A 51 -2.70 2.53 -4.15
N PRO A 52 -3.73 3.34 -4.44
CA PRO A 52 -3.79 4.74 -4.01
C PRO A 52 -3.99 4.88 -2.50
N ALA A 53 -3.54 5.99 -1.95
CA ALA A 53 -3.68 6.23 -0.51
C ALA A 53 -5.14 6.13 -0.08
N GLN A 54 -6.05 6.32 -1.02
CA GLN A 54 -7.47 6.24 -0.75
C GLN A 54 -7.92 4.80 -0.57
N GLU A 55 -7.49 3.93 -1.47
CA GLU A 55 -7.84 2.52 -1.42
C GLU A 55 -7.18 1.83 -0.23
N LEU A 56 -6.00 2.30 0.14
CA LEU A 56 -5.27 1.74 1.26
C LEU A 56 -5.50 2.57 2.52
N ARG A 57 -5.72 1.89 3.65
CA ARG A 57 -5.95 2.56 4.91
C ARG A 57 -5.38 1.75 6.07
N LYS A 58 -5.17 2.41 7.21
CA LYS A 58 -4.63 1.75 8.39
C LYS A 58 -5.71 0.95 9.12
N TYR A 59 -5.34 -0.22 9.62
CA TYR A 59 -6.28 -1.08 10.34
C TYR A 59 -7.14 -0.26 11.28
N GLY A 1 11.09 16.77 7.54
CA GLY A 1 10.50 17.71 8.46
C GLY A 1 9.57 17.04 9.45
N SER A 2 9.78 17.30 10.74
CA SER A 2 8.95 16.72 11.80
C SER A 2 7.55 17.28 11.75
N SER A 3 7.44 18.60 11.84
CA SER A 3 6.14 19.27 11.82
C SER A 3 5.84 19.82 10.43
N GLY A 4 4.55 19.98 10.14
CA GLY A 4 4.14 20.50 8.85
C GLY A 4 3.31 19.51 8.07
N SER A 5 3.60 19.36 6.77
CA SER A 5 2.86 18.45 5.91
C SER A 5 3.75 17.27 5.50
N SER A 6 3.57 16.14 6.17
CA SER A 6 4.35 14.94 5.87
C SER A 6 3.52 13.93 5.11
N GLY A 7 4.18 12.92 4.55
CA GLY A 7 3.49 11.90 3.79
C GLY A 7 3.54 10.55 4.46
N PHE A 8 3.19 9.50 3.73
CA PHE A 8 3.20 8.14 4.26
C PHE A 8 4.53 7.46 3.98
N GLN A 9 4.89 6.52 4.85
CA GLN A 9 6.15 5.78 4.71
C GLN A 9 5.90 4.29 4.60
N PRO A 10 6.68 3.62 3.74
CA PRO A 10 6.56 2.18 3.52
C PRO A 10 7.02 1.37 4.73
N GLY A 11 6.63 0.10 4.76
CA GLY A 11 7.01 -0.77 5.86
C GLY A 11 5.86 -1.03 6.81
N ASP A 12 4.90 -0.11 6.84
CA ASP A 12 3.74 -0.25 7.72
C ASP A 12 2.68 -1.14 7.08
N ASN A 13 1.84 -1.74 7.92
CA ASN A 13 0.77 -2.62 7.44
C ASN A 13 -0.46 -1.81 7.06
N VAL A 14 -1.07 -2.19 5.94
CA VAL A 14 -2.28 -1.50 5.47
C VAL A 14 -3.21 -2.47 4.75
N GLU A 15 -4.49 -2.10 4.66
CA GLU A 15 -5.48 -2.93 4.00
C GLU A 15 -6.34 -2.11 3.04
N VAL A 16 -6.56 -2.66 1.85
CA VAL A 16 -7.37 -1.97 0.84
C VAL A 16 -8.76 -1.63 1.39
N CYS A 17 -9.23 -0.44 1.07
CA CYS A 17 -10.55 0.01 1.53
C CYS A 17 -11.65 -0.66 0.71
N GLU A 18 -11.60 -0.48 -0.60
CA GLU A 18 -12.60 -1.07 -1.48
C GLU A 18 -11.97 -1.57 -2.78
N GLY A 19 -12.70 -2.39 -3.52
CA GLY A 19 -12.19 -2.93 -4.77
C GLY A 19 -11.96 -4.43 -4.69
N GLU A 20 -11.78 -5.05 -5.85
CA GLU A 20 -11.55 -6.49 -5.91
C GLU A 20 -10.43 -6.90 -4.97
N LEU A 21 -9.59 -5.94 -4.60
CA LEU A 21 -8.47 -6.21 -3.70
C LEU A 21 -8.82 -5.79 -2.27
N ILE A 22 -10.11 -5.74 -1.97
CA ILE A 22 -10.56 -5.35 -0.64
C ILE A 22 -10.15 -6.39 0.40
N ASN A 23 -10.27 -6.03 1.67
CA ASN A 23 -9.92 -6.92 2.77
C ASN A 23 -8.58 -7.60 2.50
N LEU A 24 -7.71 -6.92 1.75
CA LEU A 24 -6.40 -7.45 1.42
C LEU A 24 -5.33 -6.85 2.31
N GLN A 25 -4.88 -7.62 3.30
CA GLN A 25 -3.85 -7.16 4.22
C GLN A 25 -2.46 -7.38 3.64
N GLY A 26 -1.61 -6.37 3.76
CA GLY A 26 -0.25 -6.47 3.24
C GLY A 26 0.65 -5.38 3.77
N LYS A 27 1.94 -5.46 3.42
CA LYS A 27 2.91 -4.48 3.88
C LYS A 27 3.24 -3.49 2.76
N ILE A 28 3.60 -2.26 3.15
CA ILE A 28 3.94 -1.23 2.18
C ILE A 28 5.41 -1.31 1.79
N LEU A 29 5.68 -1.26 0.49
CA LEU A 29 7.04 -1.32 -0.02
C LEU A 29 7.62 0.08 -0.19
N SER A 30 6.88 0.94 -0.89
CA SER A 30 7.31 2.31 -1.13
C SER A 30 6.12 3.24 -1.27
N VAL A 31 6.36 4.54 -1.06
CA VAL A 31 5.30 5.53 -1.16
C VAL A 31 5.62 6.54 -2.26
N ASP A 32 4.71 6.68 -3.22
CA ASP A 32 4.88 7.62 -4.32
C ASP A 32 3.72 8.60 -4.40
N GLY A 33 3.92 9.79 -3.85
CA GLY A 33 2.88 10.80 -3.86
C GLY A 33 1.50 10.21 -3.63
N ASN A 34 0.74 10.07 -4.72
CA ASN A 34 -0.61 9.52 -4.63
C ASN A 34 -0.60 8.00 -4.81
N LYS A 35 0.32 7.52 -5.65
CA LYS A 35 0.45 6.09 -5.91
C LYS A 35 1.34 5.43 -4.86
N ILE A 36 0.81 4.38 -4.23
CA ILE A 36 1.56 3.66 -3.21
C ILE A 36 1.81 2.21 -3.64
N THR A 37 3.07 1.90 -3.93
CA THR A 37 3.43 0.55 -4.36
C THR A 37 3.67 -0.36 -3.16
N ILE A 38 2.85 -1.38 -3.01
CA ILE A 38 2.97 -2.32 -1.90
C ILE A 38 2.92 -3.77 -2.40
N MET A 39 3.05 -4.70 -1.47
CA MET A 39 3.01 -6.13 -1.81
C MET A 39 2.13 -6.89 -0.83
N PRO A 40 1.04 -7.47 -1.34
CA PRO A 40 0.10 -8.25 -0.52
C PRO A 40 0.70 -9.57 -0.05
N LYS A 41 0.20 -10.07 1.07
CA LYS A 41 0.68 -11.33 1.64
C LYS A 41 -0.17 -12.50 1.15
N HIS A 42 0.16 -13.01 -0.02
CA HIS A 42 -0.57 -14.14 -0.59
C HIS A 42 0.26 -14.84 -1.66
N GLU A 43 0.36 -16.17 -1.55
CA GLU A 43 1.12 -16.96 -2.50
C GLU A 43 0.59 -16.77 -3.93
N ASP A 44 -0.72 -16.88 -4.07
CA ASP A 44 -1.36 -16.72 -5.38
C ASP A 44 -0.83 -15.48 -6.09
N LEU A 45 -0.79 -14.37 -5.37
CA LEU A 45 -0.31 -13.11 -5.93
C LEU A 45 1.21 -13.06 -5.95
N LYS A 46 1.81 -13.69 -6.96
CA LYS A 46 3.26 -13.73 -7.10
C LYS A 46 3.77 -12.46 -7.79
N ASP A 47 3.24 -11.32 -7.39
CA ASP A 47 3.64 -10.04 -7.97
C ASP A 47 3.15 -8.87 -7.12
N MET A 48 3.98 -7.85 -7.00
CA MET A 48 3.63 -6.67 -6.21
C MET A 48 2.62 -5.80 -6.95
N LEU A 49 1.85 -5.02 -6.20
CA LEU A 49 0.84 -4.14 -6.79
C LEU A 49 1.00 -2.71 -6.27
N GLU A 50 0.24 -1.80 -6.86
CA GLU A 50 0.29 -0.39 -6.45
C GLU A 50 -1.12 0.19 -6.36
N PHE A 51 -1.46 0.72 -5.18
CA PHE A 51 -2.77 1.32 -4.97
C PHE A 51 -2.64 2.72 -4.40
N PRO A 52 -3.57 3.61 -4.80
CA PRO A 52 -3.57 5.00 -4.36
C PRO A 52 -3.94 5.13 -2.89
N ALA A 53 -3.39 6.15 -2.22
CA ALA A 53 -3.67 6.38 -0.81
C ALA A 53 -5.15 6.21 -0.51
N GLN A 54 -6.01 6.61 -1.45
CA GLN A 54 -7.44 6.51 -1.27
C GLN A 54 -7.87 5.05 -1.19
N GLU A 55 -7.30 4.21 -2.05
CA GLU A 55 -7.63 2.79 -2.07
C GLU A 55 -6.81 2.04 -1.02
N LEU A 56 -6.25 2.77 -0.06
CA LEU A 56 -5.44 2.17 1.00
C LEU A 56 -5.72 2.85 2.33
N ARG A 57 -6.15 2.06 3.32
CA ARG A 57 -6.45 2.58 4.64
C ARG A 57 -5.63 1.86 5.70
N LYS A 58 -5.61 2.42 6.91
CA LYS A 58 -4.86 1.82 8.02
C LYS A 58 -5.81 1.17 9.02
N TYR A 59 -5.63 -0.13 9.24
CA TYR A 59 -6.48 -0.88 10.16
C TYR A 59 -6.89 -0.01 11.35
N GLY A 1 20.58 16.50 1.55
CA GLY A 1 19.40 17.17 1.03
C GLY A 1 18.24 17.15 2.02
N SER A 2 17.58 18.29 2.17
CA SER A 2 16.45 18.39 3.08
C SER A 2 15.16 17.95 2.42
N SER A 3 14.24 17.40 3.21
CA SER A 3 12.96 16.93 2.70
C SER A 3 11.80 17.45 3.54
N GLY A 4 10.98 18.31 2.94
CA GLY A 4 9.85 18.87 3.66
C GLY A 4 8.86 17.80 4.12
N SER A 5 7.69 17.79 3.51
CA SER A 5 6.65 16.82 3.87
C SER A 5 6.57 15.71 2.83
N SER A 6 7.11 14.54 3.18
CA SER A 6 7.11 13.39 2.28
C SER A 6 5.75 12.68 2.31
N GLY A 7 5.28 12.38 3.51
CA GLY A 7 4.01 11.70 3.65
C GLY A 7 4.11 10.43 4.46
N PHE A 8 3.63 9.32 3.91
CA PHE A 8 3.67 8.03 4.58
C PHE A 8 4.95 7.29 4.25
N GLN A 9 5.32 6.34 5.10
CA GLN A 9 6.53 5.55 4.90
C GLN A 9 6.20 4.07 4.75
N PRO A 10 6.93 3.39 3.86
CA PRO A 10 6.74 1.96 3.59
C PRO A 10 7.18 1.09 4.77
N GLY A 11 6.67 -0.14 4.82
CA GLY A 11 7.03 -1.05 5.89
C GLY A 11 5.86 -1.33 6.82
N ASP A 12 4.94 -0.38 6.92
CA ASP A 12 3.78 -0.53 7.78
C ASP A 12 2.76 -1.49 7.16
N ASN A 13 1.68 -1.76 7.89
CA ASN A 13 0.65 -2.67 7.40
C ASN A 13 -0.63 -1.90 7.07
N VAL A 14 -1.17 -2.16 5.88
CA VAL A 14 -2.39 -1.49 5.44
C VAL A 14 -3.34 -2.48 4.75
N GLU A 15 -4.60 -2.09 4.63
CA GLU A 15 -5.59 -2.94 3.99
C GLU A 15 -6.47 -2.13 3.04
N VAL A 16 -6.92 -2.76 1.97
CA VAL A 16 -7.76 -2.10 0.97
C VAL A 16 -9.12 -1.74 1.57
N CYS A 17 -9.63 -0.57 1.18
CA CYS A 17 -10.93 -0.11 1.68
C CYS A 17 -12.06 -0.59 0.78
N GLU A 18 -11.87 -0.43 -0.53
CA GLU A 18 -12.88 -0.85 -1.50
C GLU A 18 -12.22 -1.43 -2.74
N GLY A 19 -12.98 -2.25 -3.47
CA GLY A 19 -12.47 -2.87 -4.69
C GLY A 19 -12.30 -4.37 -4.55
N GLU A 20 -12.39 -5.07 -5.67
CA GLU A 20 -12.26 -6.53 -5.67
C GLU A 20 -11.15 -6.98 -4.71
N LEU A 21 -10.19 -6.10 -4.48
CA LEU A 21 -9.08 -6.40 -3.60
C LEU A 21 -9.38 -5.94 -2.17
N ILE A 22 -10.65 -5.99 -1.80
CA ILE A 22 -11.07 -5.59 -0.46
C ILE A 22 -10.51 -6.52 0.60
N ASN A 23 -10.52 -6.07 1.84
CA ASN A 23 -10.02 -6.87 2.95
C ASN A 23 -8.67 -7.50 2.60
N LEU A 24 -7.88 -6.78 1.82
CA LEU A 24 -6.56 -7.27 1.41
C LEU A 24 -5.47 -6.68 2.29
N GLN A 25 -4.97 -7.49 3.23
CA GLN A 25 -3.92 -7.06 4.14
C GLN A 25 -2.54 -7.28 3.52
N GLY A 26 -1.65 -6.31 3.71
CA GLY A 26 -0.31 -6.42 3.17
C GLY A 26 0.64 -5.38 3.75
N LYS A 27 1.91 -5.48 3.39
CA LYS A 27 2.92 -4.54 3.88
C LYS A 27 3.30 -3.54 2.79
N ILE A 28 3.54 -2.30 3.19
CA ILE A 28 3.92 -1.25 2.25
C ILE A 28 5.39 -1.38 1.86
N LEU A 29 5.68 -1.13 0.59
CA LEU A 29 7.05 -1.22 0.08
C LEU A 29 7.64 0.18 -0.13
N SER A 30 6.90 1.02 -0.84
CA SER A 30 7.35 2.38 -1.12
C SER A 30 6.16 3.33 -1.28
N VAL A 31 6.45 4.63 -1.29
CA VAL A 31 5.40 5.63 -1.43
C VAL A 31 5.65 6.52 -2.64
N ASP A 32 4.70 6.52 -3.57
CA ASP A 32 4.82 7.34 -4.77
C ASP A 32 3.73 8.40 -4.83
N GLY A 33 3.96 9.52 -4.13
CA GLY A 33 2.99 10.58 -4.11
C GLY A 33 1.58 10.09 -3.92
N ASN A 34 0.79 10.11 -4.99
CA ASN A 34 -0.60 9.65 -4.93
C ASN A 34 -0.67 8.13 -4.92
N LYS A 35 0.15 7.50 -5.77
CA LYS A 35 0.18 6.05 -5.86
C LYS A 35 1.10 5.46 -4.80
N ILE A 36 0.67 4.35 -4.19
CA ILE A 36 1.47 3.69 -3.17
C ILE A 36 1.80 2.25 -3.57
N THR A 37 3.07 1.99 -3.84
CA THR A 37 3.52 0.66 -4.22
C THR A 37 3.68 -0.25 -3.01
N ILE A 38 2.88 -1.31 -2.96
CA ILE A 38 2.95 -2.26 -1.86
C ILE A 38 2.86 -3.70 -2.35
N MET A 39 3.09 -4.64 -1.46
CA MET A 39 3.02 -6.06 -1.80
C MET A 39 2.11 -6.82 -0.84
N PRO A 40 0.97 -7.31 -1.36
CA PRO A 40 0.00 -8.06 -0.57
C PRO A 40 0.51 -9.43 -0.16
N LYS A 41 -0.02 -9.96 0.93
CA LYS A 41 0.38 -11.27 1.43
C LYS A 41 -0.50 -12.37 0.86
N HIS A 42 -0.09 -12.93 -0.27
CA HIS A 42 -0.85 -14.00 -0.92
C HIS A 42 0.05 -14.84 -1.83
N GLU A 43 -0.25 -16.12 -1.92
CA GLU A 43 0.53 -17.03 -2.75
C GLU A 43 0.33 -16.73 -4.22
N ASP A 44 -0.93 -16.59 -4.63
CA ASP A 44 -1.24 -16.29 -6.02
C ASP A 44 -0.47 -15.07 -6.52
N LEU A 45 -0.68 -13.94 -5.86
CA LEU A 45 0.00 -12.70 -6.23
C LEU A 45 1.47 -12.75 -5.84
N LYS A 46 2.32 -13.07 -6.82
CA LYS A 46 3.76 -13.15 -6.58
C LYS A 46 4.39 -11.77 -6.58
N ASP A 47 4.21 -11.04 -7.68
CA ASP A 47 4.77 -9.70 -7.81
C ASP A 47 3.98 -8.71 -6.96
N MET A 48 4.54 -7.51 -6.77
CA MET A 48 3.89 -6.48 -5.98
C MET A 48 2.82 -5.75 -6.79
N LEU A 49 2.01 -4.96 -6.11
CA LEU A 49 0.94 -4.20 -6.77
C LEU A 49 1.01 -2.73 -6.40
N GLU A 50 0.14 -1.93 -7.03
CA GLU A 50 0.09 -0.49 -6.76
C GLU A 50 -1.34 -0.02 -6.57
N PHE A 51 -1.59 0.69 -5.47
CA PHE A 51 -2.92 1.20 -5.18
C PHE A 51 -2.86 2.66 -4.71
N PRO A 52 -3.93 3.40 -4.98
CA PRO A 52 -4.03 4.82 -4.61
C PRO A 52 -4.14 5.01 -3.09
N ALA A 53 -3.38 5.97 -2.57
CA ALA A 53 -3.41 6.26 -1.14
C ALA A 53 -4.82 6.17 -0.58
N GLN A 54 -5.81 6.39 -1.44
CA GLN A 54 -7.20 6.34 -1.04
C GLN A 54 -7.65 4.90 -0.80
N GLU A 55 -7.39 4.04 -1.78
CA GLU A 55 -7.77 2.64 -1.68
C GLU A 55 -7.15 1.99 -0.45
N LEU A 56 -5.91 2.38 -0.15
CA LEU A 56 -5.20 1.84 1.01
C LEU A 56 -5.43 2.70 2.24
N ARG A 57 -5.85 2.06 3.33
CA ARG A 57 -6.11 2.76 4.57
C ARG A 57 -5.49 2.03 5.76
N LYS A 58 -5.17 2.77 6.81
CA LYS A 58 -4.57 2.19 8.01
C LYS A 58 -5.65 1.66 8.95
N TYR A 59 -5.64 0.35 9.18
CA TYR A 59 -6.61 -0.28 10.07
C TYR A 59 -6.96 0.64 11.24
N GLY A 1 13.90 17.91 -3.49
CA GLY A 1 15.30 18.10 -3.13
C GLY A 1 15.61 17.63 -1.72
N SER A 2 14.90 18.19 -0.75
CA SER A 2 15.11 17.83 0.65
C SER A 2 13.86 17.16 1.23
N SER A 3 14.04 16.50 2.36
CA SER A 3 12.93 15.81 3.03
C SER A 3 11.83 16.80 3.41
N GLY A 4 10.69 16.69 2.74
CA GLY A 4 9.57 17.57 3.03
C GLY A 4 8.28 17.10 2.40
N SER A 5 8.39 16.51 1.21
CA SER A 5 7.21 16.01 0.50
C SER A 5 7.07 14.50 0.66
N SER A 6 6.87 14.06 1.89
CA SER A 6 6.73 12.63 2.19
C SER A 6 5.54 12.39 3.13
N GLY A 7 4.42 12.00 2.55
CA GLY A 7 3.23 11.73 3.35
C GLY A 7 3.37 10.50 4.21
N PHE A 8 3.18 9.33 3.61
CA PHE A 8 3.29 8.07 4.34
C PHE A 8 4.63 7.39 4.05
N GLN A 9 5.01 6.46 4.91
CA GLN A 9 6.26 5.73 4.75
C GLN A 9 6.01 4.22 4.64
N PRO A 10 6.80 3.56 3.79
CA PRO A 10 6.69 2.11 3.57
C PRO A 10 7.14 1.30 4.79
N GLY A 11 6.66 0.07 4.88
CA GLY A 11 7.03 -0.78 6.00
C GLY A 11 5.87 -1.02 6.96
N ASP A 12 4.92 -0.09 6.96
CA ASP A 12 3.75 -0.20 7.83
C ASP A 12 2.76 -1.22 7.28
N ASN A 13 1.66 -1.42 8.01
CA ASN A 13 0.64 -2.37 7.59
C ASN A 13 -0.64 -1.64 7.17
N VAL A 14 -1.16 -2.00 6.00
CA VAL A 14 -2.37 -1.38 5.48
C VAL A 14 -3.25 -2.41 4.77
N GLU A 15 -4.48 -2.01 4.47
CA GLU A 15 -5.42 -2.90 3.78
C GLU A 15 -6.36 -2.10 2.88
N VAL A 16 -6.91 -2.77 1.87
CA VAL A 16 -7.82 -2.13 0.93
C VAL A 16 -9.18 -1.87 1.58
N CYS A 17 -9.74 -0.69 1.31
CA CYS A 17 -11.04 -0.32 1.86
C CYS A 17 -12.14 -0.52 0.83
N GLU A 18 -11.87 -0.12 -0.41
CA GLU A 18 -12.85 -0.25 -1.48
C GLU A 18 -12.21 -0.85 -2.73
N GLY A 19 -13.04 -1.35 -3.63
CA GLY A 19 -12.53 -1.96 -4.86
C GLY A 19 -12.64 -3.47 -4.85
N GLU A 20 -12.37 -4.08 -5.99
CA GLU A 20 -12.43 -5.54 -6.11
C GLU A 20 -11.36 -6.20 -5.24
N LEU A 21 -10.29 -5.47 -4.99
CA LEU A 21 -9.19 -5.98 -4.17
C LEU A 21 -9.39 -5.62 -2.71
N ILE A 22 -10.64 -5.52 -2.29
CA ILE A 22 -10.96 -5.18 -0.91
C ILE A 22 -10.60 -6.32 0.04
N ASN A 23 -10.46 -6.01 1.32
CA ASN A 23 -10.12 -7.00 2.33
C ASN A 23 -8.74 -7.60 2.05
N LEU A 24 -7.88 -6.82 1.39
CA LEU A 24 -6.54 -7.28 1.06
C LEU A 24 -5.50 -6.52 1.87
N GLN A 25 -4.96 -7.17 2.90
CA GLN A 25 -3.95 -6.56 3.75
C GLN A 25 -2.55 -6.91 3.27
N GLY A 26 -1.56 -6.15 3.74
CA GLY A 26 -0.19 -6.39 3.34
C GLY A 26 0.76 -5.33 3.85
N LYS A 27 2.05 -5.49 3.55
CA LYS A 27 3.06 -4.53 3.99
C LYS A 27 3.42 -3.56 2.87
N ILE A 28 3.72 -2.32 3.24
CA ILE A 28 4.08 -1.29 2.27
C ILE A 28 5.57 -1.33 1.96
N LEU A 29 5.90 -1.25 0.67
CA LEU A 29 7.30 -1.27 0.24
C LEU A 29 7.82 0.14 0.00
N SER A 30 7.05 0.93 -0.75
CA SER A 30 7.43 2.31 -1.05
C SER A 30 6.20 3.17 -1.31
N VAL A 31 6.38 4.48 -1.25
CA VAL A 31 5.29 5.42 -1.47
C VAL A 31 5.58 6.34 -2.64
N ASP A 32 4.68 6.35 -3.62
CA ASP A 32 4.85 7.19 -4.81
C ASP A 32 3.67 8.15 -4.96
N GLY A 33 3.74 9.28 -4.27
CA GLY A 33 2.66 10.26 -4.34
C GLY A 33 1.30 9.65 -4.13
N ASN A 34 0.44 9.75 -5.14
CA ASN A 34 -0.90 9.20 -5.05
C ASN A 34 -0.87 7.67 -5.09
N LYS A 35 0.06 7.11 -5.86
CA LYS A 35 0.20 5.67 -5.97
C LYS A 35 1.08 5.12 -4.86
N ILE A 36 0.71 3.96 -4.33
CA ILE A 36 1.48 3.32 -3.26
C ILE A 36 1.90 1.92 -3.66
N THR A 37 3.21 1.73 -3.81
CA THR A 37 3.75 0.42 -4.18
C THR A 37 3.94 -0.47 -2.95
N ILE A 38 3.16 -1.54 -2.89
CA ILE A 38 3.26 -2.47 -1.77
C ILE A 38 3.24 -3.92 -2.25
N MET A 39 3.34 -4.85 -1.31
CA MET A 39 3.34 -6.27 -1.65
C MET A 39 2.37 -7.04 -0.75
N PRO A 40 1.24 -7.46 -1.33
CA PRO A 40 0.20 -8.21 -0.60
C PRO A 40 0.65 -9.62 -0.23
N LYS A 41 0.08 -10.16 0.84
CA LYS A 41 0.43 -11.50 1.29
C LYS A 41 -0.58 -12.52 0.77
N HIS A 42 -0.26 -13.15 -0.35
CA HIS A 42 -1.14 -14.15 -0.94
C HIS A 42 -0.35 -15.10 -1.83
N GLU A 43 -0.60 -16.40 -1.67
CA GLU A 43 0.08 -17.42 -2.45
C GLU A 43 0.04 -17.07 -3.94
N ASP A 44 -1.16 -16.97 -4.49
CA ASP A 44 -1.34 -16.64 -5.90
C ASP A 44 -0.48 -15.44 -6.29
N LEU A 45 -0.82 -14.28 -5.72
CA LEU A 45 -0.09 -13.05 -6.01
C LEU A 45 1.38 -13.18 -5.62
N LYS A 46 2.27 -12.89 -6.56
CA LYS A 46 3.71 -12.98 -6.31
C LYS A 46 4.37 -11.62 -6.51
N ASP A 47 3.95 -10.91 -7.56
CA ASP A 47 4.51 -9.60 -7.85
C ASP A 47 3.84 -8.52 -7.01
N MET A 48 4.49 -7.36 -6.92
CA MET A 48 3.95 -6.24 -6.14
C MET A 48 2.86 -5.52 -6.91
N LEU A 49 2.08 -4.70 -6.21
CA LEU A 49 1.00 -3.95 -6.82
C LEU A 49 1.05 -2.48 -6.41
N GLU A 50 0.10 -1.70 -6.91
CA GLU A 50 0.04 -0.28 -6.59
C GLU A 50 -1.41 0.17 -6.36
N PHE A 51 -1.64 0.86 -5.25
CA PHE A 51 -2.98 1.33 -4.92
C PHE A 51 -2.93 2.78 -4.43
N PRO A 52 -4.02 3.52 -4.67
CA PRO A 52 -4.13 4.92 -4.26
C PRO A 52 -4.24 5.08 -2.75
N ALA A 53 -3.63 6.13 -2.23
CA ALA A 53 -3.66 6.40 -0.79
C ALA A 53 -5.07 6.21 -0.23
N GLN A 54 -6.07 6.35 -1.09
CA GLN A 54 -7.46 6.20 -0.68
C GLN A 54 -7.81 4.73 -0.51
N GLU A 55 -7.50 3.92 -1.52
CA GLU A 55 -7.79 2.49 -1.48
C GLU A 55 -7.15 1.85 -0.25
N LEU A 56 -5.92 2.24 0.04
CA LEU A 56 -5.18 1.70 1.18
C LEU A 56 -5.43 2.54 2.42
N ARG A 57 -5.53 1.86 3.57
CA ARG A 57 -5.77 2.55 4.84
C ARG A 57 -5.03 1.84 5.97
N LYS A 58 -4.68 2.61 7.00
CA LYS A 58 -3.97 2.06 8.16
C LYS A 58 -4.95 1.63 9.24
N TYR A 59 -4.93 0.34 9.55
CA TYR A 59 -5.82 -0.19 10.58
C TYR A 59 -5.04 -0.54 11.85
N GLY A 1 21.29 4.05 5.00
CA GLY A 1 20.93 5.45 5.10
C GLY A 1 19.52 5.65 5.60
N SER A 2 19.27 6.79 6.25
CA SER A 2 17.95 7.10 6.77
C SER A 2 17.44 8.42 6.20
N SER A 3 16.43 8.33 5.34
CA SER A 3 15.85 9.52 4.72
C SER A 3 14.37 9.65 5.08
N GLY A 4 13.80 10.81 4.80
CA GLY A 4 12.41 11.05 5.10
C GLY A 4 11.69 11.80 3.99
N SER A 5 10.55 11.27 3.57
CA SER A 5 9.78 11.91 2.50
C SER A 5 8.47 12.47 3.04
N SER A 6 8.05 13.61 2.50
CA SER A 6 6.82 14.26 2.94
C SER A 6 5.61 13.40 2.60
N GLY A 7 5.03 12.80 3.63
CA GLY A 7 3.86 11.95 3.43
C GLY A 7 3.92 10.66 4.22
N PHE A 8 3.48 9.57 3.63
CA PHE A 8 3.50 8.27 4.29
C PHE A 8 4.81 7.55 4.05
N GLN A 9 5.13 6.59 4.91
CA GLN A 9 6.36 5.82 4.80
C GLN A 9 6.07 4.33 4.69
N PRO A 10 6.86 3.63 3.87
CA PRO A 10 6.72 2.18 3.68
C PRO A 10 7.12 1.38 4.91
N GLY A 11 6.63 0.14 4.99
CA GLY A 11 6.95 -0.71 6.12
C GLY A 11 5.72 -1.10 6.91
N ASP A 12 4.80 -0.15 7.08
CA ASP A 12 3.58 -0.41 7.83
C ASP A 12 2.70 -1.43 7.11
N ASN A 13 1.62 -1.85 7.76
CA ASN A 13 0.71 -2.82 7.19
C ASN A 13 -0.65 -2.19 6.90
N VAL A 14 -0.98 -2.03 5.62
CA VAL A 14 -2.25 -1.45 5.22
C VAL A 14 -3.19 -2.51 4.67
N GLU A 15 -4.44 -2.10 4.41
CA GLU A 15 -5.44 -3.02 3.89
C GLU A 15 -6.50 -2.27 3.08
N VAL A 16 -6.87 -2.82 1.93
CA VAL A 16 -7.86 -2.20 1.07
C VAL A 16 -9.21 -2.10 1.78
N CYS A 17 -9.90 -0.98 1.58
CA CYS A 17 -11.19 -0.76 2.21
C CYS A 17 -12.32 -1.07 1.23
N GLU A 18 -12.13 -0.68 -0.03
CA GLU A 18 -13.13 -0.93 -1.06
C GLU A 18 -12.48 -1.33 -2.38
N GLY A 19 -13.28 -1.85 -3.30
CA GLY A 19 -12.76 -2.27 -4.59
C GLY A 19 -12.61 -3.77 -4.70
N GLU A 20 -12.88 -4.31 -5.88
CA GLU A 20 -12.77 -5.74 -6.11
C GLU A 20 -11.61 -6.34 -5.30
N LEU A 21 -10.55 -5.56 -5.15
CA LEU A 21 -9.38 -6.01 -4.40
C LEU A 21 -9.53 -5.70 -2.92
N ILE A 22 -10.74 -5.87 -2.39
CA ILE A 22 -11.01 -5.60 -0.99
C ILE A 22 -10.53 -6.75 -0.11
N ASN A 23 -10.41 -6.48 1.18
CA ASN A 23 -9.96 -7.49 2.14
C ASN A 23 -8.54 -7.95 1.81
N LEU A 24 -7.75 -7.05 1.25
CA LEU A 24 -6.37 -7.36 0.88
C LEU A 24 -5.39 -6.57 1.76
N GLN A 25 -4.79 -7.25 2.73
CA GLN A 25 -3.83 -6.62 3.63
C GLN A 25 -2.41 -6.99 3.25
N GLY A 26 -1.49 -6.03 3.42
CA GLY A 26 -0.10 -6.27 3.08
C GLY A 26 0.82 -5.23 3.67
N LYS A 27 2.12 -5.36 3.40
CA LYS A 27 3.11 -4.43 3.91
C LYS A 27 3.52 -3.43 2.83
N ILE A 28 3.68 -2.17 3.23
CA ILE A 28 4.07 -1.12 2.30
C ILE A 28 5.56 -1.19 2.00
N LEU A 29 5.90 -1.09 0.71
CA LEU A 29 7.30 -1.12 0.29
C LEU A 29 7.84 0.28 0.06
N SER A 30 7.11 1.07 -0.71
CA SER A 30 7.52 2.44 -1.02
C SER A 30 6.31 3.32 -1.28
N VAL A 31 6.45 4.62 -1.02
CA VAL A 31 5.36 5.57 -1.23
C VAL A 31 5.68 6.51 -2.40
N ASP A 32 4.81 6.48 -3.41
CA ASP A 32 4.99 7.33 -4.58
C ASP A 32 3.84 8.32 -4.71
N GLY A 33 3.94 9.41 -3.96
CA GLY A 33 2.90 10.44 -4.00
C GLY A 33 1.50 9.85 -3.98
N ASN A 34 0.75 10.09 -5.05
CA ASN A 34 -0.61 9.59 -5.14
C ASN A 34 -0.63 8.06 -5.21
N LYS A 35 0.39 7.49 -5.85
CA LYS A 35 0.51 6.05 -5.97
C LYS A 35 1.30 5.45 -4.80
N ILE A 36 0.91 4.25 -4.38
CA ILE A 36 1.59 3.59 -3.27
C ILE A 36 1.94 2.15 -3.64
N THR A 37 3.22 1.91 -3.88
CA THR A 37 3.70 0.58 -4.25
C THR A 37 3.87 -0.30 -3.01
N ILE A 38 3.10 -1.38 -2.95
CA ILE A 38 3.16 -2.30 -1.82
C ILE A 38 3.06 -3.75 -2.29
N MET A 39 3.21 -4.67 -1.35
CA MET A 39 3.13 -6.11 -1.66
C MET A 39 2.13 -6.80 -0.75
N PRO A 40 0.98 -7.18 -1.32
CA PRO A 40 -0.08 -7.87 -0.57
C PRO A 40 0.31 -9.30 -0.19
N LYS A 41 0.18 -9.61 1.09
CA LYS A 41 0.52 -10.95 1.59
C LYS A 41 -0.51 -11.97 1.13
N HIS A 42 -0.13 -12.81 0.18
CA HIS A 42 -1.02 -13.84 -0.33
C HIS A 42 -0.24 -14.90 -1.11
N GLU A 43 -0.75 -16.13 -1.11
CA GLU A 43 -0.10 -17.23 -1.81
C GLU A 43 -0.19 -17.04 -3.32
N ASP A 44 -1.41 -16.91 -3.83
CA ASP A 44 -1.62 -16.72 -5.26
C ASP A 44 -0.79 -15.55 -5.79
N LEU A 45 -1.11 -14.35 -5.31
CA LEU A 45 -0.39 -13.15 -5.74
C LEU A 45 1.10 -13.28 -5.45
N LYS A 46 1.92 -13.21 -6.50
CA LYS A 46 3.36 -13.31 -6.37
C LYS A 46 4.03 -11.95 -6.59
N ASP A 47 3.55 -11.23 -7.60
CA ASP A 47 4.10 -9.92 -7.92
C ASP A 47 3.48 -8.84 -7.04
N MET A 48 4.12 -7.68 -6.99
CA MET A 48 3.63 -6.56 -6.19
C MET A 48 2.51 -5.82 -6.91
N LEU A 49 1.94 -4.82 -6.25
CA LEU A 49 0.86 -4.04 -6.83
C LEU A 49 1.02 -2.56 -6.50
N GLU A 50 0.17 -1.73 -7.10
CA GLU A 50 0.22 -0.29 -6.87
C GLU A 50 -1.18 0.27 -6.65
N PHE A 51 -1.45 0.75 -5.43
CA PHE A 51 -2.75 1.30 -5.10
C PHE A 51 -2.62 2.76 -4.64
N PRO A 52 -3.69 3.53 -4.82
CA PRO A 52 -3.72 4.95 -4.43
C PRO A 52 -3.72 5.13 -2.92
N ALA A 53 -3.58 6.39 -2.48
CA ALA A 53 -3.56 6.70 -1.07
C ALA A 53 -4.98 6.81 -0.51
N GLN A 54 -5.93 6.22 -1.22
CA GLN A 54 -7.33 6.25 -0.79
C GLN A 54 -7.87 4.83 -0.62
N GLU A 55 -7.46 3.93 -1.50
CA GLU A 55 -7.91 2.54 -1.44
C GLU A 55 -7.27 1.82 -0.25
N LEU A 56 -6.04 2.20 0.08
CA LEU A 56 -5.32 1.58 1.20
C LEU A 56 -5.60 2.32 2.50
N ARG A 57 -5.89 1.56 3.54
CA ARG A 57 -6.18 2.14 4.86
C ARG A 57 -5.18 1.66 5.90
N LYS A 58 -4.79 2.55 6.80
CA LYS A 58 -3.84 2.21 7.86
C LYS A 58 -4.54 1.54 9.03
N TYR A 59 -5.52 0.69 8.73
CA TYR A 59 -6.27 -0.01 9.76
C TYR A 59 -5.36 -0.45 10.90
N GLY A 1 18.33 20.28 8.58
CA GLY A 1 18.44 19.10 7.74
C GLY A 1 17.58 19.21 6.49
N SER A 2 17.24 18.06 5.91
CA SER A 2 16.43 18.04 4.69
C SER A 2 15.02 17.52 5.00
N SER A 3 14.05 18.41 4.90
CA SER A 3 12.66 18.06 5.17
C SER A 3 12.15 17.06 4.14
N GLY A 4 12.33 17.39 2.87
CA GLY A 4 11.87 16.51 1.80
C GLY A 4 10.45 16.81 1.37
N SER A 5 9.63 15.77 1.28
CA SER A 5 8.24 15.92 0.87
C SER A 5 7.31 15.16 1.82
N SER A 6 6.16 15.77 2.11
CA SER A 6 5.18 15.16 3.00
C SER A 6 4.55 13.93 2.37
N GLY A 7 4.59 12.81 3.08
CA GLY A 7 4.03 11.57 2.57
C GLY A 7 4.30 10.39 3.48
N PHE A 8 3.28 9.55 3.66
CA PHE A 8 3.42 8.38 4.52
C PHE A 8 4.69 7.60 4.20
N GLN A 9 5.12 6.76 5.13
CA GLN A 9 6.33 5.97 4.94
C GLN A 9 5.99 4.48 4.78
N PRO A 10 6.72 3.81 3.89
CA PRO A 10 6.51 2.37 3.62
C PRO A 10 6.95 1.50 4.80
N GLY A 11 6.70 0.19 4.67
CA GLY A 11 7.07 -0.73 5.73
C GLY A 11 5.90 -1.06 6.65
N ASP A 12 5.06 -0.07 6.91
CA ASP A 12 3.91 -0.26 7.78
C ASP A 12 2.88 -1.17 7.12
N ASN A 13 2.08 -1.85 7.93
CA ASN A 13 1.05 -2.75 7.42
C ASN A 13 -0.21 -1.97 7.04
N VAL A 14 -0.84 -2.38 5.94
CA VAL A 14 -2.05 -1.72 5.46
C VAL A 14 -3.06 -2.74 4.94
N GLU A 15 -4.17 -2.25 4.42
CA GLU A 15 -5.22 -3.12 3.88
C GLU A 15 -6.19 -2.33 3.01
N VAL A 16 -6.63 -2.97 1.92
CA VAL A 16 -7.55 -2.33 0.99
C VAL A 16 -8.90 -2.08 1.65
N CYS A 17 -9.53 -0.96 1.31
CA CYS A 17 -10.83 -0.61 1.87
C CYS A 17 -11.95 -0.93 0.89
N GLU A 18 -11.78 -0.52 -0.36
CA GLU A 18 -12.77 -0.77 -1.40
C GLU A 18 -12.11 -1.10 -2.73
N GLY A 19 -12.73 -1.97 -3.50
CA GLY A 19 -12.19 -2.36 -4.80
C GLY A 19 -11.99 -3.85 -4.92
N GLU A 20 -11.92 -4.33 -6.15
CA GLU A 20 -11.73 -5.76 -6.40
C GLU A 20 -10.66 -6.34 -5.48
N LEU A 21 -9.79 -5.47 -4.97
CA LEU A 21 -8.72 -5.90 -4.07
C LEU A 21 -9.12 -5.67 -2.62
N ILE A 22 -10.41 -5.74 -2.35
CA ILE A 22 -10.93 -5.55 -1.00
C ILE A 22 -10.47 -6.67 -0.07
N ASN A 23 -10.54 -6.42 1.23
CA ASN A 23 -10.13 -7.42 2.22
C ASN A 23 -8.74 -7.96 1.91
N LEU A 24 -7.90 -7.12 1.34
CA LEU A 24 -6.54 -7.51 0.98
C LEU A 24 -5.53 -6.86 1.91
N GLN A 25 -5.01 -7.63 2.86
CA GLN A 25 -4.03 -7.12 3.82
C GLN A 25 -2.62 -7.27 3.27
N GLY A 26 -1.71 -6.40 3.73
CA GLY A 26 -0.34 -6.45 3.26
C GLY A 26 0.53 -5.40 3.93
N LYS A 27 1.75 -5.23 3.42
CA LYS A 27 2.68 -4.25 3.96
C LYS A 27 3.15 -3.28 2.89
N ILE A 28 3.36 -2.03 3.27
CA ILE A 28 3.81 -1.01 2.33
C ILE A 28 5.28 -1.18 2.00
N LEU A 29 5.65 -0.84 0.77
CA LEU A 29 7.03 -0.96 0.32
C LEU A 29 7.63 0.41 0.01
N SER A 30 6.87 1.22 -0.72
CA SER A 30 7.32 2.56 -1.09
C SER A 30 6.13 3.49 -1.34
N VAL A 31 6.37 4.79 -1.27
CA VAL A 31 5.32 5.78 -1.48
C VAL A 31 5.62 6.64 -2.71
N ASP A 32 4.70 6.64 -3.66
CA ASP A 32 4.87 7.43 -4.89
C ASP A 32 3.72 8.42 -5.05
N GLY A 33 3.83 9.57 -4.39
CA GLY A 33 2.81 10.59 -4.47
C GLY A 33 1.42 10.02 -4.24
N ASN A 34 0.56 10.15 -5.24
CA ASN A 34 -0.81 9.65 -5.15
C ASN A 34 -0.84 8.13 -5.12
N LYS A 35 0.15 7.51 -5.76
CA LYS A 35 0.24 6.06 -5.81
C LYS A 35 1.13 5.54 -4.68
N ILE A 36 0.75 4.41 -4.11
CA ILE A 36 1.52 3.80 -3.03
C ILE A 36 1.83 2.34 -3.32
N THR A 37 3.06 2.07 -3.73
CA THR A 37 3.49 0.71 -4.04
C THR A 37 3.64 -0.12 -2.78
N ILE A 38 2.85 -1.19 -2.69
CA ILE A 38 2.90 -2.07 -1.52
C ILE A 38 2.91 -3.54 -1.95
N MET A 39 3.20 -4.42 -1.01
CA MET A 39 3.24 -5.86 -1.28
C MET A 39 2.14 -6.59 -0.52
N PRO A 40 1.10 -7.04 -1.26
CA PRO A 40 -0.02 -7.76 -0.68
C PRO A 40 0.36 -9.15 -0.19
N LYS A 41 -0.30 -9.61 0.87
CA LYS A 41 -0.03 -10.93 1.43
C LYS A 41 -1.03 -11.96 0.90
N HIS A 42 -0.68 -12.61 -0.21
CA HIS A 42 -1.54 -13.62 -0.81
C HIS A 42 -0.72 -14.68 -1.52
N GLU A 43 -1.07 -15.95 -1.31
CA GLU A 43 -0.36 -17.05 -1.93
C GLU A 43 -0.41 -16.95 -3.45
N ASP A 44 -1.62 -16.97 -4.00
CA ASP A 44 -1.80 -16.88 -5.44
C ASP A 44 -0.96 -15.74 -6.02
N LEU A 45 -1.33 -14.51 -5.69
CA LEU A 45 -0.60 -13.33 -6.17
C LEU A 45 0.85 -13.37 -5.73
N LYS A 46 1.76 -13.36 -6.70
CA LYS A 46 3.19 -13.39 -6.42
C LYS A 46 3.79 -11.99 -6.47
N ASP A 47 3.68 -11.35 -7.64
CA ASP A 47 4.21 -10.00 -7.82
C ASP A 47 3.49 -9.01 -6.90
N MET A 48 4.11 -7.85 -6.71
CA MET A 48 3.52 -6.81 -5.86
C MET A 48 2.47 -6.00 -6.62
N LEU A 49 1.90 -5.01 -5.95
CA LEU A 49 0.88 -4.17 -6.56
C LEU A 49 0.93 -2.75 -5.99
N GLU A 50 0.57 -1.77 -6.82
CA GLU A 50 0.57 -0.37 -6.39
C GLU A 50 -0.84 0.20 -6.39
N PHE A 51 -1.25 0.74 -5.26
CA PHE A 51 -2.59 1.33 -5.11
C PHE A 51 -2.51 2.72 -4.49
N PRO A 52 -3.50 3.56 -4.82
CA PRO A 52 -3.58 4.93 -4.31
C PRO A 52 -3.88 4.98 -2.82
N ALA A 53 -3.41 6.04 -2.15
CA ALA A 53 -3.65 6.20 -0.72
C ALA A 53 -5.11 6.00 -0.38
N GLN A 54 -5.99 6.31 -1.33
CA GLN A 54 -7.43 6.15 -1.11
C GLN A 54 -7.82 4.68 -1.05
N GLU A 55 -7.13 3.87 -1.85
CA GLU A 55 -7.41 2.43 -1.91
C GLU A 55 -6.52 1.68 -0.92
N LEU A 56 -6.03 2.38 0.09
CA LEU A 56 -5.16 1.77 1.10
C LEU A 56 -5.40 2.40 2.47
N ARG A 57 -5.64 1.55 3.46
CA ARG A 57 -5.89 2.02 4.82
C ARG A 57 -5.01 1.26 5.82
N LYS A 58 -4.26 2.03 6.62
CA LYS A 58 -3.38 1.44 7.62
C LYS A 58 -4.15 1.08 8.88
N TYR A 59 -4.03 -0.17 9.32
CA TYR A 59 -4.71 -0.63 10.51
C TYR A 59 -3.71 -1.13 11.56
N GLY A 1 19.82 15.98 -2.85
CA GLY A 1 18.48 16.28 -2.38
C GLY A 1 18.26 15.86 -0.94
N SER A 2 17.16 16.30 -0.36
CA SER A 2 16.83 15.98 1.03
C SER A 2 15.93 14.75 1.11
N SER A 3 16.23 13.86 2.04
CA SER A 3 15.45 12.63 2.21
C SER A 3 14.29 12.87 3.17
N GLY A 4 13.19 13.38 2.64
CA GLY A 4 12.02 13.65 3.46
C GLY A 4 10.73 13.18 2.82
N SER A 5 10.09 12.19 3.42
CA SER A 5 8.84 11.64 2.89
C SER A 5 7.67 12.53 3.26
N SER A 6 7.10 13.21 2.26
CA SER A 6 5.97 14.09 2.48
C SER A 6 4.65 13.37 2.22
N GLY A 7 4.09 12.75 3.26
CA GLY A 7 2.84 12.04 3.12
C GLY A 7 2.84 10.73 3.89
N PHE A 8 3.06 9.63 3.18
CA PHE A 8 3.06 8.31 3.81
C PHE A 8 4.42 7.64 3.63
N GLN A 9 4.79 6.78 4.58
CA GLN A 9 6.05 6.07 4.53
C GLN A 9 5.83 4.57 4.52
N PRO A 10 6.68 3.86 3.74
CA PRO A 10 6.59 2.40 3.62
C PRO A 10 7.02 1.68 4.90
N GLY A 11 6.57 0.44 5.05
CA GLY A 11 6.91 -0.33 6.23
C GLY A 11 5.72 -0.58 7.12
N ASP A 12 4.70 0.28 7.01
CA ASP A 12 3.49 0.15 7.82
C ASP A 12 2.55 -0.89 7.22
N ASN A 13 1.67 -1.42 8.06
CA ASN A 13 0.70 -2.43 7.61
C ASN A 13 -0.63 -1.79 7.28
N VAL A 14 -1.14 -2.06 6.08
CA VAL A 14 -2.41 -1.51 5.64
C VAL A 14 -3.22 -2.55 4.86
N GLU A 15 -4.46 -2.20 4.52
CA GLU A 15 -5.33 -3.11 3.79
C GLU A 15 -6.30 -2.32 2.91
N VAL A 16 -6.82 -2.99 1.88
CA VAL A 16 -7.77 -2.35 0.95
C VAL A 16 -9.14 -2.23 1.59
N CYS A 17 -9.63 -1.00 1.69
CA CYS A 17 -10.94 -0.74 2.29
C CYS A 17 -12.05 -1.01 1.27
N GLU A 18 -11.86 -0.52 0.05
CA GLU A 18 -12.85 -0.69 -1.01
C GLU A 18 -12.17 -1.02 -2.33
N GLY A 19 -12.96 -1.47 -3.31
CA GLY A 19 -12.42 -1.82 -4.61
C GLY A 19 -12.52 -3.29 -4.91
N GLU A 20 -12.17 -3.67 -6.13
CA GLU A 20 -12.22 -5.08 -6.54
C GLU A 20 -11.22 -5.91 -5.75
N LEU A 21 -10.13 -5.28 -5.34
CA LEU A 21 -9.09 -5.97 -4.57
C LEU A 21 -9.31 -5.79 -3.07
N ILE A 22 -10.56 -5.55 -2.69
CA ILE A 22 -10.90 -5.36 -1.29
C ILE A 22 -10.46 -6.56 -0.45
N ASN A 23 -10.36 -6.35 0.87
CA ASN A 23 -9.95 -7.41 1.78
C ASN A 23 -8.54 -7.87 1.46
N LEU A 24 -7.69 -6.94 1.06
CA LEU A 24 -6.30 -7.25 0.72
C LEU A 24 -5.35 -6.53 1.68
N GLN A 25 -4.70 -7.31 2.54
CA GLN A 25 -3.76 -6.75 3.51
C GLN A 25 -2.32 -7.01 3.07
N GLY A 26 -1.39 -6.21 3.61
CA GLY A 26 0.01 -6.37 3.26
C GLY A 26 0.86 -5.25 3.82
N LYS A 27 2.17 -5.32 3.56
CA LYS A 27 3.10 -4.31 4.04
C LYS A 27 3.47 -3.34 2.93
N ILE A 28 3.73 -2.09 3.31
CA ILE A 28 4.09 -1.07 2.34
C ILE A 28 5.59 -1.09 2.05
N LEU A 29 5.94 -0.99 0.78
CA LEU A 29 7.34 -1.00 0.37
C LEU A 29 7.82 0.42 0.03
N SER A 30 7.02 1.14 -0.74
CA SER A 30 7.35 2.50 -1.14
C SER A 30 6.10 3.33 -1.37
N VAL A 31 6.26 4.64 -1.39
CA VAL A 31 5.14 5.55 -1.61
C VAL A 31 5.42 6.53 -2.74
N ASP A 32 4.77 6.32 -3.88
CA ASP A 32 4.95 7.18 -5.04
C ASP A 32 3.86 8.24 -5.11
N GLY A 33 4.08 9.36 -4.44
CA GLY A 33 3.11 10.43 -4.44
C GLY A 33 1.70 9.93 -4.21
N ASN A 34 0.87 9.98 -5.25
CA ASN A 34 -0.51 9.53 -5.16
C ASN A 34 -0.58 8.00 -5.13
N LYS A 35 0.27 7.36 -5.92
CA LYS A 35 0.30 5.90 -5.99
C LYS A 35 1.23 5.33 -4.91
N ILE A 36 0.83 4.20 -4.34
CA ILE A 36 1.61 3.55 -3.30
C ILE A 36 1.96 2.11 -3.69
N THR A 37 3.26 1.85 -3.88
CA THR A 37 3.73 0.52 -4.24
C THR A 37 3.95 -0.34 -3.01
N ILE A 38 3.14 -1.39 -2.88
CA ILE A 38 3.25 -2.30 -1.75
C ILE A 38 3.22 -3.75 -2.21
N MET A 39 3.42 -4.67 -1.26
CA MET A 39 3.42 -6.10 -1.57
C MET A 39 2.35 -6.83 -0.77
N PRO A 40 1.30 -7.30 -1.46
CA PRO A 40 0.20 -8.02 -0.82
C PRO A 40 0.61 -9.40 -0.32
N LYS A 41 0.16 -9.75 0.88
CA LYS A 41 0.48 -11.04 1.47
C LYS A 41 -0.59 -12.07 1.14
N HIS A 42 -0.48 -12.67 -0.05
CA HIS A 42 -1.44 -13.68 -0.49
C HIS A 42 -0.77 -14.69 -1.41
N GLU A 43 -1.37 -15.88 -1.51
CA GLU A 43 -0.83 -16.93 -2.36
C GLU A 43 -1.09 -16.63 -3.83
N ASP A 44 -2.37 -16.56 -4.20
CA ASP A 44 -2.76 -16.27 -5.57
C ASP A 44 -1.79 -15.29 -6.22
N LEU A 45 -1.69 -14.10 -5.64
CA LEU A 45 -0.80 -13.07 -6.16
C LEU A 45 0.65 -13.39 -5.83
N LYS A 46 1.54 -13.11 -6.78
CA LYS A 46 2.96 -13.36 -6.58
C LYS A 46 3.77 -12.08 -6.73
N ASP A 47 3.35 -11.22 -7.65
CA ASP A 47 4.03 -9.95 -7.88
C ASP A 47 3.40 -8.84 -7.06
N MET A 48 4.18 -7.79 -6.81
CA MET A 48 3.69 -6.65 -6.03
C MET A 48 2.64 -5.87 -6.80
N LEU A 49 1.98 -4.94 -6.13
CA LEU A 49 0.95 -4.12 -6.75
C LEU A 49 1.08 -2.65 -6.32
N GLU A 50 0.24 -1.79 -6.90
CA GLU A 50 0.27 -0.37 -6.57
C GLU A 50 -1.15 0.16 -6.39
N PHE A 51 -1.45 0.60 -5.18
CA PHE A 51 -2.78 1.14 -4.87
C PHE A 51 -2.67 2.57 -4.34
N PRO A 52 -3.73 3.37 -4.55
CA PRO A 52 -3.79 4.76 -4.10
C PRO A 52 -3.88 4.88 -2.58
N ALA A 53 -3.12 5.80 -2.02
CA ALA A 53 -3.10 6.02 -0.58
C ALA A 53 -4.52 5.94 -0.01
N GLN A 54 -5.51 6.24 -0.84
CA GLN A 54 -6.90 6.20 -0.41
C GLN A 54 -7.38 4.77 -0.23
N GLU A 55 -7.17 3.94 -1.25
CA GLU A 55 -7.57 2.55 -1.20
C GLU A 55 -6.93 1.83 -0.02
N LEU A 56 -5.69 2.22 0.30
CA LEU A 56 -4.97 1.61 1.41
C LEU A 56 -5.16 2.41 2.69
N ARG A 57 -5.61 1.73 3.74
CA ARG A 57 -5.85 2.38 5.02
C ARG A 57 -5.46 1.45 6.18
N LYS A 58 -5.35 2.02 7.37
CA LYS A 58 -4.98 1.25 8.55
C LYS A 58 -6.20 0.52 9.12
N TYR A 59 -6.03 -0.77 9.39
CA TYR A 59 -7.11 -1.58 9.94
C TYR A 59 -7.95 -0.78 10.92
N GLY A 1 13.19 16.70 6.23
CA GLY A 1 13.65 17.40 7.42
C GLY A 1 12.66 18.46 7.88
N SER A 2 13.13 19.70 8.00
CA SER A 2 12.28 20.80 8.44
C SER A 2 11.58 21.46 7.25
N SER A 3 12.37 21.84 6.25
CA SER A 3 11.85 22.49 5.06
C SER A 3 10.60 21.77 4.56
N GLY A 4 10.70 20.44 4.44
CA GLY A 4 9.58 19.65 3.98
C GLY A 4 9.58 18.24 4.53
N SER A 5 8.40 17.70 4.75
CA SER A 5 8.27 16.35 5.30
C SER A 5 7.55 15.42 4.31
N SER A 6 7.97 14.17 4.26
CA SER A 6 7.37 13.20 3.35
C SER A 6 6.01 12.74 3.88
N GLY A 7 5.15 12.29 2.97
CA GLY A 7 3.83 11.83 3.36
C GLY A 7 3.88 10.57 4.21
N PHE A 8 3.44 9.45 3.62
CA PHE A 8 3.43 8.18 4.33
C PHE A 8 4.74 7.42 4.10
N GLN A 9 5.05 6.50 5.01
CA GLN A 9 6.27 5.71 4.90
C GLN A 9 5.95 4.24 4.67
N PRO A 10 6.75 3.57 3.84
CA PRO A 10 6.57 2.15 3.53
C PRO A 10 6.89 1.25 4.72
N GLY A 11 6.53 -0.02 4.61
CA GLY A 11 6.78 -0.98 5.68
C GLY A 11 5.66 -1.00 6.70
N ASP A 12 4.68 -0.13 6.53
CA ASP A 12 3.55 -0.06 7.44
C ASP A 12 2.48 -1.07 7.05
N ASN A 13 1.67 -1.48 8.03
CA ASN A 13 0.61 -2.45 7.78
C ASN A 13 -0.67 -1.75 7.32
N VAL A 14 -1.07 -2.01 6.08
CA VAL A 14 -2.27 -1.41 5.53
C VAL A 14 -3.19 -2.47 4.92
N GLU A 15 -4.44 -2.09 4.69
CA GLU A 15 -5.42 -3.01 4.12
C GLU A 15 -6.41 -2.26 3.23
N VAL A 16 -6.73 -2.85 2.08
CA VAL A 16 -7.67 -2.25 1.15
C VAL A 16 -9.06 -2.11 1.78
N CYS A 17 -9.72 -1.00 1.50
CA CYS A 17 -11.06 -0.74 2.02
C CYS A 17 -12.12 -1.11 1.01
N GLU A 18 -11.83 -0.86 -0.27
CA GLU A 18 -12.77 -1.16 -1.34
C GLU A 18 -12.04 -1.63 -2.59
N GLY A 19 -12.79 -2.22 -3.52
CA GLY A 19 -12.19 -2.71 -4.76
C GLY A 19 -12.02 -4.21 -4.75
N GLU A 20 -11.92 -4.80 -5.94
CA GLU A 20 -11.75 -6.24 -6.06
C GLU A 20 -10.71 -6.76 -5.06
N LEU A 21 -9.72 -5.93 -4.77
CA LEU A 21 -8.67 -6.30 -3.83
C LEU A 21 -9.10 -6.02 -2.39
N ILE A 22 -10.41 -6.02 -2.16
CA ILE A 22 -10.95 -5.77 -0.83
C ILE A 22 -10.45 -6.81 0.16
N ASN A 23 -10.60 -6.51 1.45
CA ASN A 23 -10.17 -7.41 2.51
C ASN A 23 -8.78 -7.96 2.22
N LEU A 24 -7.95 -7.13 1.60
CA LEU A 24 -6.58 -7.53 1.27
C LEU A 24 -5.57 -6.76 2.12
N GLN A 25 -4.91 -7.48 3.03
CA GLN A 25 -3.92 -6.88 3.91
C GLN A 25 -2.51 -7.14 3.40
N GLY A 26 -1.58 -6.25 3.73
CA GLY A 26 -0.21 -6.41 3.31
C GLY A 26 0.70 -5.33 3.86
N LYS A 27 2.00 -5.43 3.55
CA LYS A 27 2.97 -4.46 4.02
C LYS A 27 3.39 -3.53 2.89
N ILE A 28 3.56 -2.25 3.21
CA ILE A 28 3.97 -1.25 2.22
C ILE A 28 5.46 -1.38 1.91
N LEU A 29 5.83 -1.01 0.68
CA LEU A 29 7.22 -1.08 0.25
C LEU A 29 7.77 0.31 -0.01
N SER A 30 7.00 1.13 -0.72
CA SER A 30 7.41 2.49 -1.04
C SER A 30 6.20 3.38 -1.26
N VAL A 31 6.44 4.70 -1.25
CA VAL A 31 5.36 5.66 -1.46
C VAL A 31 5.68 6.61 -2.61
N ASP A 32 4.90 6.52 -3.69
CA ASP A 32 5.10 7.37 -4.85
C ASP A 32 3.94 8.34 -5.02
N GLY A 33 3.99 9.44 -4.28
CA GLY A 33 2.93 10.43 -4.36
C GLY A 33 1.55 9.83 -4.18
N ASN A 34 0.85 9.62 -5.29
CA ASN A 34 -0.49 9.04 -5.25
C ASN A 34 -0.43 7.51 -5.32
N LYS A 35 0.55 7.00 -6.04
CA LYS A 35 0.73 5.56 -6.20
C LYS A 35 1.54 4.99 -5.04
N ILE A 36 1.03 3.92 -4.44
CA ILE A 36 1.71 3.28 -3.31
C ILE A 36 2.04 1.82 -3.63
N THR A 37 3.27 1.57 -4.05
CA THR A 37 3.70 0.22 -4.38
C THR A 37 3.90 -0.63 -3.12
N ILE A 38 3.08 -1.66 -2.97
CA ILE A 38 3.16 -2.54 -1.82
C ILE A 38 3.10 -4.00 -2.24
N MET A 39 3.24 -4.90 -1.27
CA MET A 39 3.19 -6.33 -1.54
C MET A 39 2.07 -7.00 -0.74
N PRO A 40 1.00 -7.39 -1.45
CA PRO A 40 -0.15 -8.05 -0.82
C PRO A 40 0.17 -9.46 -0.34
N LYS A 41 -0.23 -9.78 0.89
CA LYS A 41 0.02 -11.08 1.46
C LYS A 41 -0.94 -12.13 0.88
N HIS A 42 -0.60 -12.64 -0.30
CA HIS A 42 -1.43 -13.64 -0.96
C HIS A 42 -0.58 -14.53 -1.88
N GLU A 43 -0.73 -15.84 -1.72
CA GLU A 43 0.02 -16.79 -2.54
C GLU A 43 -0.14 -16.47 -4.02
N ASP A 44 -1.38 -16.26 -4.45
CA ASP A 44 -1.66 -15.94 -5.85
C ASP A 44 -0.87 -14.74 -6.31
N LEU A 45 -1.11 -13.60 -5.65
CA LEU A 45 -0.41 -12.36 -6.00
C LEU A 45 1.03 -12.40 -5.51
N LYS A 46 1.96 -12.57 -6.45
CA LYS A 46 3.38 -12.62 -6.12
C LYS A 46 4.07 -11.32 -6.50
N ASP A 47 3.57 -10.68 -7.56
CA ASP A 47 4.14 -9.43 -8.03
C ASP A 47 3.69 -8.26 -7.16
N MET A 48 4.38 -7.13 -7.29
CA MET A 48 4.04 -5.94 -6.51
C MET A 48 2.89 -5.19 -7.16
N LEU A 49 2.04 -4.59 -6.32
CA LEU A 49 0.88 -3.84 -6.81
C LEU A 49 0.93 -2.39 -6.30
N GLU A 50 0.34 -1.49 -7.08
CA GLU A 50 0.31 -0.08 -6.71
C GLU A 50 -1.12 0.38 -6.44
N PHE A 51 -1.38 0.78 -5.19
CA PHE A 51 -2.70 1.24 -4.80
C PHE A 51 -2.65 2.68 -4.32
N PRO A 52 -3.72 3.44 -4.61
CA PRO A 52 -3.82 4.85 -4.21
C PRO A 52 -4.00 5.03 -2.71
N ALA A 53 -3.30 6.01 -2.14
CA ALA A 53 -3.39 6.28 -0.71
C ALA A 53 -4.83 6.16 -0.22
N GLN A 54 -5.79 6.39 -1.11
CA GLN A 54 -7.19 6.30 -0.76
C GLN A 54 -7.64 4.86 -0.65
N GLU A 55 -7.20 4.02 -1.58
CA GLU A 55 -7.55 2.61 -1.58
C GLU A 55 -7.00 1.90 -0.35
N LEU A 56 -5.78 2.28 0.05
CA LEU A 56 -5.14 1.69 1.21
C LEU A 56 -5.47 2.47 2.48
N ARG A 57 -6.08 1.80 3.44
CA ARG A 57 -6.45 2.42 4.70
C ARG A 57 -5.59 1.91 5.85
N LYS A 58 -5.26 2.79 6.79
CA LYS A 58 -4.45 2.42 7.94
C LYS A 58 -5.30 1.81 9.04
N TYR A 59 -4.90 0.63 9.51
CA TYR A 59 -5.63 -0.06 10.56
C TYR A 59 -4.71 -0.44 11.71
N GLY A 1 17.91 19.03 -5.42
CA GLY A 1 16.65 19.03 -6.13
C GLY A 1 15.91 17.71 -5.99
N SER A 2 14.86 17.70 -5.17
CA SER A 2 14.07 16.50 -4.96
C SER A 2 12.62 16.70 -5.40
N SER A 3 11.83 15.64 -5.34
CA SER A 3 10.43 15.70 -5.72
C SER A 3 9.53 15.82 -4.49
N GLY A 4 9.94 16.65 -3.53
CA GLY A 4 9.16 16.83 -2.32
C GLY A 4 8.56 15.54 -1.82
N SER A 5 9.41 14.53 -1.61
CA SER A 5 8.96 13.23 -1.13
C SER A 5 8.67 13.28 0.36
N SER A 6 7.48 13.73 0.71
CA SER A 6 7.06 13.83 2.11
C SER A 6 5.63 13.35 2.29
N GLY A 7 5.43 12.46 3.27
CA GLY A 7 4.11 11.93 3.53
C GLY A 7 4.15 10.62 4.29
N PHE A 8 3.59 9.57 3.69
CA PHE A 8 3.56 8.26 4.33
C PHE A 8 4.86 7.50 4.05
N GLN A 9 5.20 6.60 4.97
CA GLN A 9 6.42 5.81 4.83
C GLN A 9 6.09 4.34 4.62
N PRO A 10 6.86 3.67 3.74
CA PRO A 10 6.67 2.25 3.44
C PRO A 10 7.05 1.35 4.60
N GLY A 11 6.66 0.08 4.51
CA GLY A 11 6.98 -0.87 5.56
C GLY A 11 5.84 -1.02 6.56
N ASP A 12 4.86 -0.13 6.49
CA ASP A 12 3.71 -0.17 7.38
C ASP A 12 2.69 -1.19 6.90
N ASN A 13 1.89 -1.70 7.84
CA ASN A 13 0.87 -2.69 7.52
C ASN A 13 -0.46 -2.00 7.22
N VAL A 14 -0.95 -2.18 6.00
CA VAL A 14 -2.21 -1.58 5.59
C VAL A 14 -3.09 -2.59 4.86
N GLU A 15 -4.25 -2.14 4.40
CA GLU A 15 -5.18 -3.01 3.68
C GLU A 15 -6.16 -2.18 2.85
N VAL A 16 -6.61 -2.76 1.74
CA VAL A 16 -7.56 -2.09 0.86
C VAL A 16 -8.93 -1.95 1.53
N CYS A 17 -9.61 -0.84 1.23
CA CYS A 17 -10.92 -0.58 1.80
C CYS A 17 -12.02 -0.95 0.82
N GLU A 18 -11.77 -0.70 -0.47
CA GLU A 18 -12.75 -1.01 -1.51
C GLU A 18 -12.05 -1.41 -2.80
N GLY A 19 -12.83 -1.92 -3.76
CA GLY A 19 -12.27 -2.33 -5.04
C GLY A 19 -12.11 -3.83 -5.15
N GLU A 20 -12.15 -4.34 -6.37
CA GLU A 20 -12.03 -5.78 -6.61
C GLU A 20 -10.94 -6.38 -5.72
N LEU A 21 -9.97 -5.55 -5.34
CA LEU A 21 -8.88 -6.00 -4.49
C LEU A 21 -9.17 -5.71 -3.02
N ILE A 22 -10.41 -5.99 -2.60
CA ILE A 22 -10.81 -5.76 -1.21
C ILE A 22 -10.28 -6.86 -0.30
N ASN A 23 -10.36 -6.61 1.01
CA ASN A 23 -9.89 -7.58 1.99
C ASN A 23 -8.48 -8.05 1.66
N LEU A 24 -7.67 -7.13 1.15
CA LEU A 24 -6.28 -7.45 0.80
C LEU A 24 -5.31 -6.72 1.72
N GLN A 25 -4.71 -7.46 2.65
CA GLN A 25 -3.76 -6.87 3.57
C GLN A 25 -2.32 -7.11 3.11
N GLY A 26 -1.40 -6.32 3.64
CA GLY A 26 0.01 -6.46 3.26
C GLY A 26 0.86 -5.33 3.79
N LYS A 27 2.15 -5.38 3.48
CA LYS A 27 3.08 -4.34 3.93
C LYS A 27 3.42 -3.39 2.79
N ILE A 28 3.70 -2.14 3.14
CA ILE A 28 4.05 -1.13 2.15
C ILE A 28 5.52 -1.22 1.75
N LEU A 29 5.81 -0.88 0.51
CA LEU A 29 7.18 -0.92 0.00
C LEU A 29 7.72 0.49 -0.21
N SER A 30 6.91 1.34 -0.83
CA SER A 30 7.31 2.72 -1.10
C SER A 30 6.10 3.63 -1.21
N VAL A 31 6.33 4.93 -1.19
CA VAL A 31 5.26 5.92 -1.29
C VAL A 31 5.54 6.94 -2.38
N ASP A 32 4.86 6.80 -3.51
CA ASP A 32 5.04 7.72 -4.62
C ASP A 32 3.84 8.66 -4.75
N GLY A 33 3.93 9.81 -4.07
CA GLY A 33 2.85 10.78 -4.12
C GLY A 33 1.50 10.16 -3.80
N ASN A 34 0.62 10.09 -4.80
CA ASN A 34 -0.71 9.53 -4.61
C ASN A 34 -0.68 8.01 -4.75
N LYS A 35 0.25 7.52 -5.57
CA LYS A 35 0.39 6.08 -5.80
C LYS A 35 1.31 5.45 -4.75
N ILE A 36 0.86 4.35 -4.17
CA ILE A 36 1.65 3.65 -3.15
C ILE A 36 1.89 2.19 -3.56
N THR A 37 3.13 1.90 -3.96
CA THR A 37 3.48 0.54 -4.36
C THR A 37 3.73 -0.35 -3.16
N ILE A 38 2.89 -1.37 -2.99
CA ILE A 38 3.02 -2.30 -1.88
C ILE A 38 2.99 -3.73 -2.36
N MET A 39 3.12 -4.67 -1.42
CA MET A 39 3.10 -6.10 -1.74
C MET A 39 2.17 -6.85 -0.80
N PRO A 40 1.08 -7.41 -1.36
CA PRO A 40 0.10 -8.18 -0.58
C PRO A 40 0.66 -9.51 -0.10
N LYS A 41 0.09 -10.04 0.97
CA LYS A 41 0.51 -11.32 1.53
C LYS A 41 -0.41 -12.44 1.08
N HIS A 42 -0.09 -13.05 -0.06
CA HIS A 42 -0.90 -14.15 -0.59
C HIS A 42 -0.11 -14.94 -1.63
N GLU A 43 -0.24 -16.27 -1.58
CA GLU A 43 0.46 -17.13 -2.53
C GLU A 43 -0.09 -16.95 -3.94
N ASP A 44 -1.41 -16.98 -4.06
CA ASP A 44 -2.07 -16.82 -5.35
C ASP A 44 -1.49 -15.63 -6.11
N LEU A 45 -1.35 -14.50 -5.43
CA LEU A 45 -0.81 -13.30 -6.04
C LEU A 45 0.67 -13.48 -6.39
N LYS A 46 1.50 -13.57 -5.36
CA LYS A 46 2.94 -13.74 -5.57
C LYS A 46 3.52 -12.60 -6.40
N ASP A 47 3.02 -11.40 -6.16
CA ASP A 47 3.49 -10.22 -6.88
C ASP A 47 3.07 -8.94 -6.17
N MET A 48 3.82 -7.87 -6.42
CA MET A 48 3.52 -6.58 -5.79
C MET A 48 2.55 -5.78 -6.63
N LEU A 49 1.80 -4.90 -5.98
CA LEU A 49 0.81 -4.06 -6.68
C LEU A 49 0.94 -2.61 -6.26
N GLU A 50 0.11 -1.75 -6.84
CA GLU A 50 0.13 -0.33 -6.52
C GLU A 50 -1.29 0.23 -6.40
N PHE A 51 -1.56 0.92 -5.30
CA PHE A 51 -2.87 1.51 -5.07
C PHE A 51 -2.75 2.91 -4.48
N PRO A 52 -3.76 3.74 -4.76
CA PRO A 52 -3.80 5.13 -4.26
C PRO A 52 -4.00 5.20 -2.75
N ALA A 53 -3.55 6.29 -2.15
CA ALA A 53 -3.69 6.50 -0.71
C ALA A 53 -5.14 6.32 -0.28
N GLN A 54 -6.06 6.60 -1.19
CA GLN A 54 -7.49 6.48 -0.90
C GLN A 54 -7.91 5.02 -0.84
N GLU A 55 -7.32 4.20 -1.71
CA GLU A 55 -7.64 2.78 -1.75
C GLU A 55 -6.80 2.00 -0.74
N LEU A 56 -6.15 2.73 0.16
CA LEU A 56 -5.31 2.12 1.18
C LEU A 56 -5.53 2.77 2.54
N ARG A 57 -5.71 1.94 3.57
CA ARG A 57 -5.92 2.44 4.92
C ARG A 57 -5.21 1.56 5.94
N LYS A 58 -4.88 2.15 7.09
CA LYS A 58 -4.20 1.42 8.15
C LYS A 58 -5.20 0.71 9.05
N TYR A 59 -5.07 -0.62 9.13
CA TYR A 59 -5.96 -1.42 9.96
C TYR A 59 -5.22 -1.99 11.16
N GLY A 1 17.28 10.48 -0.75
CA GLY A 1 16.53 11.20 0.26
C GLY A 1 15.84 12.42 -0.30
N SER A 2 14.55 12.29 -0.61
CA SER A 2 13.78 13.40 -1.15
C SER A 2 13.53 14.47 -0.09
N SER A 3 13.51 15.73 -0.51
CA SER A 3 13.29 16.84 0.40
C SER A 3 11.89 17.41 0.23
N GLY A 4 11.14 17.47 1.32
CA GLY A 4 9.79 18.00 1.26
C GLY A 4 8.80 17.15 2.04
N SER A 5 7.79 17.80 2.62
CA SER A 5 6.78 17.10 3.40
C SER A 5 6.30 15.85 2.67
N SER A 6 6.35 14.71 3.36
CA SER A 6 5.92 13.45 2.76
C SER A 6 4.55 13.04 3.30
N GLY A 7 3.86 12.18 2.55
CA GLY A 7 2.54 11.74 2.96
C GLY A 7 2.61 10.57 3.94
N PHE A 8 3.15 9.45 3.47
CA PHE A 8 3.26 8.25 4.30
C PHE A 8 4.59 7.54 4.05
N GLN A 9 4.95 6.66 4.97
CA GLN A 9 6.20 5.91 4.84
C GLN A 9 5.94 4.41 4.76
N PRO A 10 6.71 3.73 3.91
CA PRO A 10 6.57 2.28 3.71
C PRO A 10 7.05 1.48 4.93
N GLY A 11 6.67 0.21 4.98
CA GLY A 11 7.07 -0.64 6.09
C GLY A 11 5.92 -0.92 7.04
N ASP A 12 4.94 -0.02 7.07
CA ASP A 12 3.78 -0.19 7.94
C ASP A 12 2.78 -1.17 7.34
N ASN A 13 1.88 -1.67 8.18
CA ASN A 13 0.88 -2.63 7.74
C ASN A 13 -0.45 -1.93 7.44
N VAL A 14 -0.99 -2.17 6.25
CA VAL A 14 -2.25 -1.57 5.84
C VAL A 14 -3.05 -2.52 4.96
N GLU A 15 -4.32 -2.18 4.73
CA GLU A 15 -5.19 -3.00 3.91
C GLU A 15 -6.10 -2.13 3.04
N VAL A 16 -6.61 -2.72 1.96
CA VAL A 16 -7.49 -1.99 1.05
C VAL A 16 -8.85 -1.73 1.69
N CYS A 17 -9.51 -0.67 1.24
CA CYS A 17 -10.82 -0.30 1.76
C CYS A 17 -11.93 -0.73 0.80
N GLU A 18 -11.71 -0.51 -0.48
CA GLU A 18 -12.69 -0.86 -1.51
C GLU A 18 -12.01 -1.40 -2.76
N GLY A 19 -12.74 -2.21 -3.52
CA GLY A 19 -12.19 -2.77 -4.74
C GLY A 19 -11.92 -4.26 -4.62
N GLU A 20 -11.91 -4.96 -5.75
CA GLU A 20 -11.68 -6.39 -5.77
C GLU A 20 -10.55 -6.77 -4.81
N LEU A 21 -9.61 -5.86 -4.61
CA LEU A 21 -8.48 -6.08 -3.72
C LEU A 21 -8.85 -5.74 -2.28
N ILE A 22 -10.14 -5.79 -1.97
CA ILE A 22 -10.62 -5.48 -0.63
C ILE A 22 -10.13 -6.52 0.38
N ASN A 23 -10.22 -6.19 1.66
CA ASN A 23 -9.79 -7.09 2.72
C ASN A 23 -8.41 -7.68 2.41
N LEU A 24 -7.59 -6.91 1.72
CA LEU A 24 -6.24 -7.35 1.37
C LEU A 24 -5.21 -6.79 2.33
N GLN A 25 -4.70 -7.64 3.21
CA GLN A 25 -3.69 -7.23 4.19
C GLN A 25 -2.29 -7.42 3.63
N GLY A 26 -1.46 -6.39 3.78
CA GLY A 26 -0.09 -6.47 3.28
C GLY A 26 0.79 -5.36 3.84
N LYS A 27 2.08 -5.43 3.54
CA LYS A 27 3.03 -4.43 4.00
C LYS A 27 3.39 -3.45 2.89
N ILE A 28 3.62 -2.19 3.26
CA ILE A 28 3.98 -1.17 2.30
C ILE A 28 5.46 -1.22 1.96
N LEU A 29 5.78 -1.04 0.69
CA LEU A 29 7.17 -1.06 0.23
C LEU A 29 7.68 0.35 -0.02
N SER A 30 6.99 1.08 -0.88
CA SER A 30 7.37 2.46 -1.21
C SER A 30 6.14 3.32 -1.43
N VAL A 31 6.33 4.64 -1.35
CA VAL A 31 5.23 5.58 -1.54
C VAL A 31 5.50 6.50 -2.73
N ASP A 32 4.78 6.27 -3.83
CA ASP A 32 4.94 7.08 -5.03
C ASP A 32 3.82 8.12 -5.14
N GLY A 33 4.02 9.27 -4.49
CA GLY A 33 3.01 10.31 -4.54
C GLY A 33 1.61 9.78 -4.38
N ASN A 34 0.85 9.79 -5.48
CA ASN A 34 -0.53 9.32 -5.46
C ASN A 34 -0.56 7.79 -5.47
N LYS A 35 0.43 7.19 -6.11
CA LYS A 35 0.51 5.73 -6.19
C LYS A 35 1.32 5.16 -5.03
N ILE A 36 0.82 4.09 -4.44
CA ILE A 36 1.49 3.45 -3.32
C ILE A 36 1.86 2.01 -3.65
N THR A 37 3.15 1.76 -3.87
CA THR A 37 3.63 0.42 -4.20
C THR A 37 3.77 -0.43 -2.95
N ILE A 38 3.01 -1.52 -2.89
CA ILE A 38 3.06 -2.42 -1.75
C ILE A 38 3.00 -3.88 -2.19
N MET A 39 3.32 -4.78 -1.27
CA MET A 39 3.30 -6.21 -1.57
C MET A 39 2.20 -6.91 -0.79
N PRO A 40 1.14 -7.31 -1.50
CA PRO A 40 -0.01 -7.99 -0.90
C PRO A 40 0.34 -9.41 -0.45
N LYS A 41 -0.37 -9.89 0.57
CA LYS A 41 -0.13 -11.23 1.11
C LYS A 41 -1.11 -12.23 0.50
N HIS A 42 -0.65 -12.93 -0.54
CA HIS A 42 -1.48 -13.93 -1.21
C HIS A 42 -0.63 -14.87 -2.05
N GLU A 43 -1.12 -16.09 -2.24
CA GLU A 43 -0.40 -17.09 -3.01
C GLU A 43 -0.53 -16.82 -4.52
N ASP A 44 -1.77 -16.60 -4.96
CA ASP A 44 -2.04 -16.33 -6.37
C ASP A 44 -1.21 -15.14 -6.85
N LEU A 45 -1.20 -14.07 -6.07
CA LEU A 45 -0.45 -12.87 -6.43
C LEU A 45 1.03 -13.04 -6.10
N LYS A 46 1.84 -13.22 -7.14
CA LYS A 46 3.28 -13.39 -6.96
C LYS A 46 4.03 -12.13 -7.40
N ASP A 47 3.54 -10.97 -6.97
CA ASP A 47 4.17 -9.70 -7.31
C ASP A 47 3.50 -8.55 -6.57
N MET A 48 4.23 -7.45 -6.41
CA MET A 48 3.70 -6.27 -5.73
C MET A 48 2.73 -5.51 -6.62
N LEU A 49 1.97 -4.60 -6.03
CA LEU A 49 1.01 -3.79 -6.77
C LEU A 49 1.08 -2.33 -6.35
N GLU A 50 0.24 -1.50 -6.98
CA GLU A 50 0.21 -0.08 -6.67
C GLU A 50 -1.22 0.40 -6.46
N PHE A 51 -1.48 0.96 -5.28
CA PHE A 51 -2.82 1.46 -4.95
C PHE A 51 -2.75 2.89 -4.42
N PRO A 52 -3.79 3.68 -4.71
CA PRO A 52 -3.88 5.07 -4.27
C PRO A 52 -4.07 5.20 -2.76
N ALA A 53 -3.41 6.18 -2.16
CA ALA A 53 -3.51 6.40 -0.73
C ALA A 53 -4.94 6.23 -0.24
N GLN A 54 -5.89 6.46 -1.14
CA GLN A 54 -7.31 6.34 -0.81
C GLN A 54 -7.71 4.87 -0.69
N GLU A 55 -7.34 4.08 -1.68
CA GLU A 55 -7.67 2.66 -1.69
C GLU A 55 -7.05 1.95 -0.48
N LEU A 56 -5.89 2.44 -0.05
CA LEU A 56 -5.20 1.86 1.09
C LEU A 56 -5.52 2.63 2.38
N ARG A 57 -5.91 1.90 3.42
CA ARG A 57 -6.24 2.51 4.69
C ARG A 57 -5.82 1.61 5.85
N LYS A 58 -5.92 2.14 7.07
CA LYS A 58 -5.55 1.38 8.26
C LYS A 58 -6.67 0.43 8.66
N TYR A 59 -6.32 -0.84 8.87
CA TYR A 59 -7.29 -1.85 9.26
C TYR A 59 -8.34 -1.27 10.20
N GLY A 1 19.41 2.74 6.31
CA GLY A 1 18.52 3.36 7.26
C GLY A 1 17.21 3.81 6.63
N SER A 2 16.46 4.63 7.35
CA SER A 2 15.18 5.13 6.85
C SER A 2 15.17 6.66 6.83
N SER A 3 14.62 7.22 5.76
CA SER A 3 14.54 8.66 5.61
C SER A 3 13.09 9.14 5.57
N GLY A 4 12.68 9.87 6.60
CA GLY A 4 11.32 10.36 6.66
C GLY A 4 10.90 11.08 5.39
N SER A 5 10.09 10.41 4.56
CA SER A 5 9.64 10.99 3.31
C SER A 5 8.41 11.86 3.53
N SER A 6 7.97 12.54 2.47
CA SER A 6 6.81 13.41 2.56
C SER A 6 5.52 12.63 2.32
N GLY A 7 4.62 12.66 3.30
CA GLY A 7 3.36 11.96 3.19
C GLY A 7 3.34 10.66 3.97
N PHE A 8 3.27 9.54 3.25
CA PHE A 8 3.26 8.23 3.89
C PHE A 8 4.60 7.52 3.73
N GLN A 9 4.89 6.60 4.63
CA GLN A 9 6.14 5.85 4.58
C GLN A 9 5.88 4.35 4.53
N PRO A 10 6.69 3.62 3.75
CA PRO A 10 6.57 2.17 3.60
C PRO A 10 6.96 1.43 4.87
N GLY A 11 6.62 0.14 4.92
CA GLY A 11 6.96 -0.66 6.08
C GLY A 11 5.76 -0.91 6.98
N ASP A 12 4.91 0.09 7.11
CA ASP A 12 3.71 -0.02 7.95
C ASP A 12 2.73 -1.03 7.36
N ASN A 13 1.78 -1.47 8.18
CA ASN A 13 0.79 -2.44 7.75
C ASN A 13 -0.53 -1.76 7.39
N VAL A 14 -1.08 -2.11 6.24
CA VAL A 14 -2.34 -1.53 5.78
C VAL A 14 -3.17 -2.55 5.01
N GLU A 15 -4.42 -2.19 4.72
CA GLU A 15 -5.31 -3.08 3.99
C GLU A 15 -6.31 -2.28 3.16
N VAL A 16 -6.69 -2.83 2.01
CA VAL A 16 -7.64 -2.17 1.12
C VAL A 16 -8.97 -1.94 1.82
N CYS A 17 -9.49 -0.72 1.73
CA CYS A 17 -10.76 -0.38 2.35
C CYS A 17 -11.85 -0.16 1.29
N GLU A 18 -11.41 0.11 0.06
CA GLU A 18 -12.35 0.34 -1.04
C GLU A 18 -11.80 -0.24 -2.33
N GLY A 19 -12.70 -0.51 -3.27
CA GLY A 19 -12.29 -1.06 -4.55
C GLY A 19 -12.56 -2.55 -4.66
N GLU A 20 -12.39 -3.10 -5.86
CA GLU A 20 -12.62 -4.52 -6.08
C GLU A 20 -11.61 -5.37 -5.30
N LEU A 21 -10.41 -4.82 -5.11
CA LEU A 21 -9.36 -5.52 -4.38
C LEU A 21 -9.52 -5.32 -2.88
N ILE A 22 -10.75 -5.41 -2.40
CA ILE A 22 -11.04 -5.24 -0.98
C ILE A 22 -10.56 -6.45 -0.18
N ASN A 23 -10.53 -6.31 1.15
CA ASN A 23 -10.09 -7.38 2.03
C ASN A 23 -8.67 -7.83 1.67
N LEU A 24 -7.85 -6.89 1.23
CA LEU A 24 -6.47 -7.17 0.85
C LEU A 24 -5.49 -6.48 1.80
N GLN A 25 -4.91 -7.26 2.70
CA GLN A 25 -3.95 -6.73 3.66
C GLN A 25 -2.52 -7.05 3.24
N GLY A 26 -1.57 -6.29 3.76
CA GLY A 26 -0.18 -6.50 3.43
C GLY A 26 0.73 -5.40 3.93
N LYS A 27 2.02 -5.51 3.65
CA LYS A 27 2.99 -4.51 4.09
C LYS A 27 3.32 -3.54 2.96
N ILE A 28 3.68 -2.31 3.34
CA ILE A 28 4.02 -1.28 2.36
C ILE A 28 5.50 -1.34 2.00
N LEU A 29 5.79 -1.20 0.71
CA LEU A 29 7.17 -1.23 0.24
C LEU A 29 7.70 0.19 0.01
N SER A 30 6.95 0.98 -0.75
CA SER A 30 7.34 2.34 -1.04
C SER A 30 6.11 3.23 -1.24
N VAL A 31 6.35 4.53 -1.38
CA VAL A 31 5.27 5.49 -1.58
C VAL A 31 5.55 6.38 -2.78
N ASP A 32 4.70 6.28 -3.81
CA ASP A 32 4.85 7.08 -5.02
C ASP A 32 3.73 8.11 -5.12
N GLY A 33 3.91 9.25 -4.44
CA GLY A 33 2.90 10.29 -4.48
C GLY A 33 1.51 9.77 -4.21
N ASN A 34 0.67 9.75 -5.24
CA ASN A 34 -0.70 9.27 -5.12
C ASN A 34 -0.74 7.75 -5.11
N LYS A 35 0.19 7.13 -5.84
CA LYS A 35 0.25 5.68 -5.92
C LYS A 35 1.14 5.11 -4.81
N ILE A 36 0.69 4.01 -4.21
CA ILE A 36 1.45 3.38 -3.14
C ILE A 36 1.83 1.95 -3.51
N THR A 37 3.12 1.74 -3.79
CA THR A 37 3.62 0.43 -4.17
C THR A 37 3.83 -0.45 -2.94
N ILE A 38 3.06 -1.54 -2.85
CA ILE A 38 3.16 -2.45 -1.73
C ILE A 38 3.18 -3.90 -2.20
N MET A 39 3.27 -4.83 -1.25
CA MET A 39 3.28 -6.25 -1.57
C MET A 39 2.29 -7.01 -0.71
N PRO A 40 1.18 -7.44 -1.33
CA PRO A 40 0.12 -8.20 -0.64
C PRO A 40 0.58 -9.60 -0.24
N LYS A 41 0.02 -10.10 0.85
CA LYS A 41 0.36 -11.44 1.33
C LYS A 41 -0.54 -12.50 0.70
N HIS A 42 -0.10 -13.05 -0.42
CA HIS A 42 -0.85 -14.07 -1.13
C HIS A 42 0.05 -14.87 -2.07
N GLU A 43 0.10 -16.18 -1.85
CA GLU A 43 0.92 -17.05 -2.68
C GLU A 43 0.50 -16.98 -4.14
N ASP A 44 -0.74 -16.57 -4.37
CA ASP A 44 -1.27 -16.45 -5.72
C ASP A 44 -0.65 -15.27 -6.46
N LEU A 45 -0.49 -14.15 -5.75
CA LEU A 45 0.09 -12.95 -6.33
C LEU A 45 1.60 -12.91 -6.09
N LYS A 46 2.37 -13.49 -7.00
CA LYS A 46 3.82 -13.52 -6.89
C LYS A 46 4.42 -12.23 -7.42
N ASP A 47 3.84 -11.09 -7.05
CA ASP A 47 4.32 -9.80 -7.50
C ASP A 47 3.72 -8.68 -6.66
N MET A 48 4.34 -7.51 -6.71
CA MET A 48 3.86 -6.35 -5.96
C MET A 48 2.80 -5.59 -6.75
N LEU A 49 1.98 -4.82 -6.05
CA LEU A 49 0.93 -4.04 -6.69
C LEU A 49 1.05 -2.56 -6.34
N GLU A 50 0.14 -1.75 -6.85
CA GLU A 50 0.14 -0.32 -6.58
C GLU A 50 -1.28 0.21 -6.40
N PHE A 51 -1.58 0.70 -5.20
CA PHE A 51 -2.90 1.23 -4.90
C PHE A 51 -2.80 2.67 -4.39
N PRO A 52 -3.86 3.46 -4.65
CA PRO A 52 -3.92 4.87 -4.24
C PRO A 52 -4.04 5.01 -2.72
N ALA A 53 -3.70 6.20 -2.22
CA ALA A 53 -3.77 6.48 -0.79
C ALA A 53 -5.21 6.42 -0.29
N GLN A 54 -6.15 6.30 -1.23
CA GLN A 54 -7.56 6.22 -0.88
C GLN A 54 -8.02 4.78 -0.75
N GLU A 55 -7.47 3.91 -1.60
CA GLU A 55 -7.83 2.50 -1.58
C GLU A 55 -7.23 1.80 -0.36
N LEU A 56 -6.05 2.24 0.05
CA LEU A 56 -5.38 1.67 1.21
C LEU A 56 -5.74 2.43 2.48
N ARG A 57 -5.85 1.70 3.59
CA ARG A 57 -6.19 2.30 4.87
C ARG A 57 -5.35 1.70 5.99
N LYS A 58 -5.05 2.52 6.99
CA LYS A 58 -4.24 2.07 8.13
C LYS A 58 -5.13 1.48 9.22
N TYR A 59 -4.88 0.22 9.55
CA TYR A 59 -5.65 -0.47 10.58
C TYR A 59 -4.76 -0.88 11.75
N GLY A 1 14.58 9.47 -0.79
CA GLY A 1 15.55 9.30 0.28
C GLY A 1 14.90 9.15 1.64
N SER A 2 15.49 9.78 2.64
CA SER A 2 14.97 9.71 4.01
C SER A 2 14.46 11.08 4.47
N SER A 3 15.35 12.06 4.39
CA SER A 3 15.00 13.43 4.81
C SER A 3 13.89 14.00 3.93
N GLY A 4 12.92 14.65 4.57
CA GLY A 4 11.81 15.24 3.84
C GLY A 4 10.63 14.29 3.71
N SER A 5 10.13 13.83 4.85
CA SER A 5 9.00 12.91 4.86
C SER A 5 7.98 13.27 3.78
N SER A 6 7.98 12.51 2.69
CA SER A 6 7.06 12.75 1.59
C SER A 6 5.77 11.98 1.77
N GLY A 7 4.83 12.57 2.51
CA GLY A 7 3.56 11.91 2.75
C GLY A 7 3.69 10.70 3.64
N PHE A 8 3.03 9.61 3.25
CA PHE A 8 3.08 8.37 4.02
C PHE A 8 4.41 7.65 3.81
N GLN A 9 4.78 6.84 4.79
CA GLN A 9 6.04 6.09 4.72
C GLN A 9 5.77 4.59 4.64
N PRO A 10 6.57 3.91 3.80
CA PRO A 10 6.44 2.46 3.60
C PRO A 10 6.88 1.67 4.83
N GLY A 11 6.58 0.37 4.82
CA GLY A 11 6.95 -0.49 5.94
C GLY A 11 5.80 -0.72 6.90
N ASP A 12 4.83 0.18 6.87
CA ASP A 12 3.66 0.07 7.75
C ASP A 12 2.60 -0.82 7.12
N ASN A 13 1.96 -1.65 7.95
CA ASN A 13 0.92 -2.55 7.48
C ASN A 13 -0.35 -1.79 7.13
N VAL A 14 -1.11 -2.32 6.18
CA VAL A 14 -2.36 -1.69 5.76
C VAL A 14 -3.30 -2.70 5.12
N GLU A 15 -4.45 -2.23 4.68
CA GLU A 15 -5.45 -3.09 4.04
C GLU A 15 -6.34 -2.30 3.09
N VAL A 16 -6.91 -2.99 2.11
CA VAL A 16 -7.79 -2.34 1.14
C VAL A 16 -9.21 -2.20 1.69
N CYS A 17 -9.77 -1.00 1.58
CA CYS A 17 -11.12 -0.74 2.06
C CYS A 17 -12.15 -1.08 1.00
N GLU A 18 -11.84 -0.77 -0.25
CA GLU A 18 -12.74 -1.04 -1.36
C GLU A 18 -11.96 -1.40 -2.62
N GLY A 19 -12.67 -1.93 -3.62
CA GLY A 19 -12.03 -2.31 -4.86
C GLY A 19 -11.82 -3.81 -4.98
N GLU A 20 -11.73 -4.29 -6.22
CA GLU A 20 -11.54 -5.71 -6.47
C GLU A 20 -10.50 -6.29 -5.51
N LEU A 21 -9.57 -5.45 -5.06
CA LEU A 21 -8.52 -5.88 -4.14
C LEU A 21 -8.92 -5.58 -2.69
N ILE A 22 -10.18 -5.80 -2.38
CA ILE A 22 -10.69 -5.54 -1.03
C ILE A 22 -10.34 -6.70 -0.10
N ASN A 23 -10.41 -6.44 1.21
CA ASN A 23 -10.11 -7.47 2.21
C ASN A 23 -8.73 -8.05 1.98
N LEU A 24 -7.83 -7.24 1.43
CA LEU A 24 -6.46 -7.67 1.16
C LEU A 24 -5.48 -6.97 2.08
N GLN A 25 -5.00 -7.70 3.08
CA GLN A 25 -4.04 -7.14 4.03
C GLN A 25 -2.60 -7.30 3.54
N GLY A 26 -1.76 -6.32 3.84
CA GLY A 26 -0.38 -6.38 3.41
C GLY A 26 0.46 -5.28 4.02
N LYS A 27 1.71 -5.17 3.58
CA LYS A 27 2.62 -4.16 4.09
C LYS A 27 3.07 -3.21 2.98
N ILE A 28 3.36 -1.97 3.34
CA ILE A 28 3.80 -0.98 2.37
C ILE A 28 5.30 -1.11 2.10
N LEU A 29 5.69 -0.81 0.87
CA LEU A 29 7.10 -0.88 0.48
C LEU A 29 7.64 0.49 0.11
N SER A 30 6.86 1.24 -0.65
CA SER A 30 7.25 2.59 -1.08
C SER A 30 6.03 3.45 -1.37
N VAL A 31 6.25 4.76 -1.45
CA VAL A 31 5.17 5.70 -1.72
C VAL A 31 5.51 6.61 -2.89
N ASP A 32 4.83 6.43 -4.01
CA ASP A 32 5.07 7.24 -5.19
C ASP A 32 3.97 8.29 -5.38
N GLY A 33 4.16 9.46 -4.80
CA GLY A 33 3.18 10.52 -4.91
C GLY A 33 1.78 10.04 -4.57
N ASN A 34 0.99 9.73 -5.61
CA ASN A 34 -0.36 9.27 -5.42
C ASN A 34 -0.41 7.74 -5.31
N LYS A 35 0.47 7.08 -6.07
CA LYS A 35 0.53 5.62 -6.06
C LYS A 35 1.40 5.11 -4.91
N ILE A 36 1.00 4.00 -4.31
CA ILE A 36 1.74 3.42 -3.21
C ILE A 36 2.12 1.97 -3.50
N THR A 37 3.34 1.77 -3.98
CA THR A 37 3.82 0.43 -4.29
C THR A 37 4.01 -0.41 -3.03
N ILE A 38 3.05 -1.26 -2.74
CA ILE A 38 3.11 -2.12 -1.55
C ILE A 38 3.17 -3.58 -1.95
N MET A 39 3.41 -4.44 -0.96
CA MET A 39 3.50 -5.88 -1.20
C MET A 39 2.35 -6.61 -0.50
N PRO A 40 1.38 -7.09 -1.31
CA PRO A 40 0.23 -7.82 -0.79
C PRO A 40 0.60 -9.21 -0.25
N LYS A 41 -0.19 -9.70 0.70
CA LYS A 41 0.05 -11.00 1.30
C LYS A 41 -0.99 -12.01 0.83
N HIS A 42 -0.58 -12.90 -0.07
CA HIS A 42 -1.48 -13.92 -0.59
C HIS A 42 -0.72 -14.93 -1.45
N GLU A 43 -1.30 -16.11 -1.63
CA GLU A 43 -0.67 -17.16 -2.44
C GLU A 43 -0.85 -16.87 -3.92
N ASP A 44 -2.10 -16.68 -4.34
CA ASP A 44 -2.39 -16.40 -5.74
C ASP A 44 -1.40 -15.40 -6.32
N LEU A 45 -1.49 -14.16 -5.86
CA LEU A 45 -0.61 -13.10 -6.35
C LEU A 45 0.79 -13.65 -6.64
N LYS A 46 1.46 -13.05 -7.61
CA LYS A 46 2.80 -13.47 -7.99
C LYS A 46 3.79 -12.31 -7.89
N ASP A 47 3.26 -11.09 -7.85
CA ASP A 47 4.10 -9.90 -7.76
C ASP A 47 3.46 -8.86 -6.84
N MET A 48 4.11 -7.71 -6.71
CA MET A 48 3.60 -6.63 -5.87
C MET A 48 2.61 -5.76 -6.63
N LEU A 49 2.06 -4.77 -5.94
CA LEU A 49 1.09 -3.87 -6.54
C LEU A 49 1.17 -2.48 -5.92
N GLU A 50 0.65 -1.48 -6.62
CA GLU A 50 0.65 -0.11 -6.14
C GLU A 50 -0.75 0.46 -6.07
N PHE A 51 -1.22 0.77 -4.87
CA PHE A 51 -2.54 1.31 -4.67
C PHE A 51 -2.48 2.74 -4.13
N PRO A 52 -3.46 3.57 -4.52
CA PRO A 52 -3.54 4.98 -4.10
C PRO A 52 -3.86 5.11 -2.61
N ALA A 53 -3.25 6.10 -1.97
CA ALA A 53 -3.47 6.35 -0.55
C ALA A 53 -4.95 6.21 -0.20
N GLN A 54 -5.81 6.41 -1.20
CA GLN A 54 -7.25 6.31 -0.99
C GLN A 54 -7.68 4.85 -0.84
N GLU A 55 -7.15 3.99 -1.70
CA GLU A 55 -7.48 2.57 -1.67
C GLU A 55 -6.59 1.83 -0.67
N LEU A 56 -6.13 2.54 0.34
CA LEU A 56 -5.27 1.95 1.37
C LEU A 56 -5.48 2.63 2.72
N ARG A 57 -5.63 1.81 3.76
CA ARG A 57 -5.85 2.33 5.10
C ARG A 57 -5.32 1.36 6.15
N LYS A 58 -4.78 1.90 7.24
CA LYS A 58 -4.25 1.08 8.32
C LYS A 58 -5.37 0.53 9.20
N TYR A 59 -5.15 -0.66 9.76
CA TYR A 59 -6.14 -1.28 10.62
C TYR A 59 -6.72 -0.28 11.62
N GLY A 1 -4.21 23.27 -5.64
CA GLY A 1 -4.90 22.75 -6.81
C GLY A 1 -5.00 21.24 -6.80
N SER A 2 -4.37 20.59 -7.77
CA SER A 2 -4.40 19.14 -7.87
C SER A 2 -3.92 18.49 -6.57
N SER A 3 -4.47 17.32 -6.27
CA SER A 3 -4.11 16.60 -5.05
C SER A 3 -2.72 15.98 -5.18
N GLY A 4 -1.76 16.51 -4.44
CA GLY A 4 -0.41 15.99 -4.49
C GLY A 4 0.33 16.14 -3.17
N SER A 5 -0.08 15.34 -2.19
CA SER A 5 0.55 15.38 -0.87
C SER A 5 0.73 13.98 -0.30
N SER A 6 1.98 13.59 -0.09
CA SER A 6 2.30 12.27 0.44
C SER A 6 2.91 12.38 1.84
N GLY A 7 2.23 11.82 2.82
CA GLY A 7 2.72 11.85 4.19
C GLY A 7 2.68 10.50 4.86
N PHE A 8 3.02 9.46 4.11
CA PHE A 8 3.02 8.09 4.63
C PHE A 8 4.35 7.40 4.33
N GLN A 9 4.82 6.61 5.28
CA GLN A 9 6.08 5.88 5.11
C GLN A 9 5.82 4.39 4.86
N PRO A 10 6.61 3.80 3.95
CA PRO A 10 6.49 2.39 3.60
C PRO A 10 6.93 1.47 4.73
N GLY A 11 6.67 0.17 4.57
CA GLY A 11 7.05 -0.78 5.59
C GLY A 11 5.88 -1.19 6.47
N ASP A 12 5.13 -0.20 6.96
CA ASP A 12 3.98 -0.47 7.81
C ASP A 12 3.03 -1.46 7.16
N ASN A 13 2.02 -1.89 7.92
CA ASN A 13 1.04 -2.84 7.41
C ASN A 13 -0.29 -2.15 7.12
N VAL A 14 -0.82 -2.38 5.92
CA VAL A 14 -2.09 -1.78 5.52
C VAL A 14 -2.94 -2.77 4.73
N GLU A 15 -4.17 -2.37 4.41
CA GLU A 15 -5.07 -3.22 3.66
C GLU A 15 -5.99 -2.39 2.76
N VAL A 16 -6.49 -3.02 1.70
CA VAL A 16 -7.37 -2.34 0.77
C VAL A 16 -8.81 -2.31 1.28
N CYS A 17 -9.46 -1.15 1.17
CA CYS A 17 -10.83 -1.00 1.62
C CYS A 17 -11.79 -0.90 0.44
N GLU A 18 -11.28 -0.45 -0.70
CA GLU A 18 -12.09 -0.31 -1.90
C GLU A 18 -11.44 -1.04 -3.08
N GLY A 19 -12.22 -1.23 -4.14
CA GLY A 19 -11.71 -1.92 -5.32
C GLY A 19 -11.99 -3.40 -5.28
N GLU A 20 -11.33 -4.15 -6.16
CA GLU A 20 -11.51 -5.59 -6.24
C GLU A 20 -10.53 -6.31 -5.31
N LEU A 21 -9.73 -5.54 -4.59
CA LEU A 21 -8.74 -6.09 -3.67
C LEU A 21 -9.17 -5.88 -2.22
N ILE A 22 -10.35 -5.29 -2.04
CA ILE A 22 -10.87 -5.03 -0.70
C ILE A 22 -10.58 -6.19 0.24
N ASN A 23 -10.34 -5.88 1.50
CA ASN A 23 -10.04 -6.90 2.51
C ASN A 23 -8.75 -7.64 2.17
N LEU A 24 -7.76 -6.90 1.70
CA LEU A 24 -6.47 -7.48 1.35
C LEU A 24 -5.36 -6.95 2.25
N GLN A 25 -4.95 -7.77 3.22
CA GLN A 25 -3.89 -7.38 4.15
C GLN A 25 -2.53 -7.44 3.48
N GLY A 26 -1.66 -6.50 3.84
CA GLY A 26 -0.32 -6.46 3.27
C GLY A 26 0.55 -5.40 3.90
N LYS A 27 1.78 -5.27 3.42
CA LYS A 27 2.72 -4.29 3.94
C LYS A 27 3.14 -3.32 2.85
N ILE A 28 3.44 -2.08 3.25
CA ILE A 28 3.87 -1.06 2.30
C ILE A 28 5.34 -1.19 1.98
N LEU A 29 5.73 -0.77 0.77
CA LEU A 29 7.11 -0.85 0.34
C LEU A 29 7.67 0.54 0.06
N SER A 30 6.88 1.37 -0.63
CA SER A 30 7.30 2.73 -0.95
C SER A 30 6.09 3.64 -1.14
N VAL A 31 6.34 4.92 -1.34
CA VAL A 31 5.28 5.90 -1.53
C VAL A 31 5.57 6.80 -2.72
N ASP A 32 4.67 6.77 -3.70
CA ASP A 32 4.83 7.59 -4.90
C ASP A 32 3.62 8.51 -5.10
N GLY A 33 3.75 9.75 -4.63
CA GLY A 33 2.67 10.71 -4.76
C GLY A 33 1.33 10.13 -4.34
N ASN A 34 0.39 10.08 -5.27
CA ASN A 34 -0.94 9.55 -5.00
C ASN A 34 -0.92 8.03 -4.99
N LYS A 35 -0.02 7.44 -5.78
CA LYS A 35 0.09 6.00 -5.86
C LYS A 35 1.03 5.46 -4.78
N ILE A 36 0.66 4.32 -4.20
CA ILE A 36 1.47 3.70 -3.15
C ILE A 36 1.79 2.25 -3.49
N THR A 37 3.04 1.99 -3.85
CA THR A 37 3.48 0.65 -4.19
C THR A 37 3.69 -0.20 -2.94
N ILE A 38 2.89 -1.25 -2.80
CA ILE A 38 3.00 -2.13 -1.65
C ILE A 38 2.98 -3.60 -2.08
N MET A 39 3.16 -4.50 -1.12
CA MET A 39 3.17 -5.92 -1.40
C MET A 39 2.04 -6.63 -0.67
N PRO A 40 1.06 -7.14 -1.43
CA PRO A 40 -0.09 -7.85 -0.87
C PRO A 40 0.28 -9.19 -0.26
N LYS A 41 -0.53 -9.67 0.68
CA LYS A 41 -0.28 -10.95 1.33
C LYS A 41 -1.30 -11.99 0.89
N HIS A 42 -1.05 -12.61 -0.26
CA HIS A 42 -1.95 -13.63 -0.79
C HIS A 42 -1.17 -14.88 -1.19
N GLU A 43 -1.89 -15.88 -1.71
CA GLU A 43 -1.27 -17.12 -2.13
C GLU A 43 -0.98 -17.12 -3.62
N ASP A 44 -1.92 -16.58 -4.39
CA ASP A 44 -1.76 -16.51 -5.85
C ASP A 44 -0.86 -15.35 -6.25
N LEU A 45 -1.31 -14.13 -5.96
CA LEU A 45 -0.55 -12.93 -6.30
C LEU A 45 0.90 -13.07 -5.83
N LYS A 46 1.80 -13.32 -6.77
CA LYS A 46 3.21 -13.47 -6.46
C LYS A 46 3.91 -12.11 -6.45
N ASP A 47 3.79 -11.38 -7.55
CA ASP A 47 4.41 -10.07 -7.68
C ASP A 47 3.65 -9.03 -6.84
N MET A 48 4.30 -7.89 -6.59
CA MET A 48 3.68 -6.82 -5.81
C MET A 48 2.76 -5.98 -6.68
N LEU A 49 2.04 -5.06 -6.04
CA LEU A 49 1.12 -4.19 -6.77
C LEU A 49 1.26 -2.75 -6.29
N GLU A 50 0.45 -1.87 -6.87
CA GLU A 50 0.49 -0.45 -6.51
C GLU A 50 -0.93 0.14 -6.45
N PHE A 51 -1.30 0.65 -5.28
CA PHE A 51 -2.62 1.24 -5.09
C PHE A 51 -2.50 2.64 -4.50
N PRO A 52 -3.50 3.50 -4.81
CA PRO A 52 -3.54 4.88 -4.33
C PRO A 52 -3.80 4.96 -2.83
N ALA A 53 -3.55 6.13 -2.25
CA ALA A 53 -3.77 6.32 -0.82
C ALA A 53 -5.20 6.01 -0.43
N GLN A 54 -6.14 6.31 -1.33
CA GLN A 54 -7.55 6.05 -1.08
C GLN A 54 -7.81 4.55 -0.96
N GLU A 55 -7.21 3.77 -1.85
CA GLU A 55 -7.38 2.32 -1.84
C GLU A 55 -6.43 1.66 -0.85
N LEU A 56 -5.97 2.45 0.12
CA LEU A 56 -5.05 1.94 1.14
C LEU A 56 -5.31 2.60 2.49
N ARG A 57 -5.49 1.78 3.52
CA ARG A 57 -5.75 2.28 4.86
C ARG A 57 -4.97 1.46 5.90
N LYS A 58 -4.42 2.15 6.89
CA LYS A 58 -3.67 1.50 7.95
C LYS A 58 -4.59 0.97 9.04
N TYR A 59 -4.41 -0.30 9.40
CA TYR A 59 -5.23 -0.92 10.43
C TYR A 59 -4.44 -1.12 11.71
#